data_7A6Q
#
_entry.id   7A6Q
#
_cell.length_a   83.162
_cell.length_b   89.509
_cell.length_c   158.646
_cell.angle_alpha   90.000
_cell.angle_beta   90.000
_cell.angle_gamma   90.000
#
_symmetry.space_group_name_H-M   'P 21 2 21'
#
loop_
_entity.id
_entity.type
_entity.pdbx_description
1 polymer 'Aldehyde dehydrogenase family 1 member A3'
2 non-polymer NICOTINAMIDE-ADENINE-DINUCLEOTIDE
3 non-polymer 3-(2-phenylimidazo[1,2-a]pyridin-6-yl)benzenecarbonitrile
4 non-polymer 'SODIUM ION'
5 non-polymer GLYCEROL
6 non-polymer (3-oxidanylidene-3-sodiooxy-propanoyl)oxysodium
7 water water
#
_entity_poly.entity_id   1
_entity_poly.type   'polypeptide(L)'
_entity_poly.pdbx_seq_one_letter_code
;MATANGAVENGQPDRKPPALPRPIRNLEVKFTKIFINNEWHESKSGKKFATCNPSTREQICEVEEGDKPDVDKAVEAAQV
AFQRGSPWRRLDALSRGRLLHQLADLVERDRATLAALETMDTGKPFLHAFFIDLEGCIRTLRYFAGWADKIQGKTIPTDD
NVVCFTRHEPIGVCGAITPWNFPLLMLVWKLAPALCCGNTMVLKPAEQTPLTALYLGSLIKEAGFPPGVVNIVPGFGPTV
GAAISSHPQINKIAFTGSTEVGKLVKEAASRSNLKRVTLELGGKNPCIVCADADLDLAVECAHQGVFFNQGQCCTAASRV
FVEEQVYSEFVRRSVEYAKKRPVGDPFDVKTEQGPQIDQKQFDKILELIESGKKEGAKLECGGSAMEDKGLFIKPTVFSE
VTDNMRIAKEEIFGPVQPILKFKSIEEVIKRANSTDYGLTAAVFTKNLDKALKLASALESGTVWINCYNALYAQAPFGGF
KMSGNGRELGEYALAEYTEVKTVTIKLGDKNP
;
_entity_poly.pdbx_strand_id   A,B
#
loop_
_chem_comp.id
_chem_comp.type
_chem_comp.name
_chem_comp.formula
GOL non-polymer GLYCEROL 'C3 H8 O3'
NA non-polymer 'SODIUM ION' 'Na 1'
NAD non-polymer NICOTINAMIDE-ADENINE-DINUCLEOTIDE 'C21 H27 N7 O14 P2'
R2K non-polymer (3-oxidanylidene-3-sodiooxy-propanoyl)oxysodium 'C3 H2 Na2 O4'
R2Q non-polymer 3-(2-phenylimidazo[1,2-a]pyridin-6-yl)benzenecarbonitrile 'C20 H13 N3'
#
# COMPACT_ATOMS: atom_id res chain seq x y z
N ALA A 19 43.74 4.45 -9.46
CA ALA A 19 44.46 4.61 -8.20
C ALA A 19 43.56 4.29 -7.01
N LEU A 20 43.66 3.06 -6.51
CA LEU A 20 42.83 2.67 -5.37
C LEU A 20 43.25 3.45 -4.13
N PRO A 21 42.32 4.13 -3.45
CA PRO A 21 42.71 4.91 -2.27
C PRO A 21 43.18 4.00 -1.15
N ARG A 22 44.14 4.51 -0.38
CA ARG A 22 44.62 3.79 0.79
C ARG A 22 43.69 4.06 1.98
N PRO A 23 43.77 3.22 3.02
CA PRO A 23 42.79 3.33 4.12
C PRO A 23 43.04 4.55 5.00
N ILE A 24 41.97 5.28 5.30
CA ILE A 24 41.99 6.31 6.33
C ILE A 24 42.20 5.60 7.67
N ARG A 25 43.40 5.77 8.25
CA ARG A 25 43.86 4.91 9.33
C ARG A 25 43.04 5.07 10.60
N ASN A 26 43.07 6.25 11.21
CA ASN A 26 42.42 6.46 12.50
C ASN A 26 41.85 7.88 12.52
N LEU A 27 40.73 8.08 11.82
CA LEU A 27 40.07 9.38 11.77
C LEU A 27 38.88 9.38 12.72
N GLU A 28 38.78 10.44 13.51
CA GLU A 28 37.84 10.55 14.62
C GLU A 28 36.43 10.87 14.14
N VAL A 29 35.45 10.52 15.00
CA VAL A 29 34.05 10.84 14.78
C VAL A 29 33.75 12.27 15.26
N LYS A 30 32.76 12.88 14.65
CA LYS A 30 32.42 14.28 14.94
C LYS A 30 30.93 14.47 15.22
N PHE A 31 30.06 13.77 14.51
CA PHE A 31 28.62 13.96 14.61
C PHE A 31 28.02 12.76 15.35
N THR A 32 27.53 13.01 16.56
CA THR A 32 26.98 11.93 17.38
C THR A 32 25.69 12.33 18.08
N LYS A 33 25.12 13.48 17.76
CA LYS A 33 23.93 13.97 18.43
C LYS A 33 22.72 13.83 17.52
N ILE A 34 21.57 14.29 18.03
CA ILE A 34 20.30 14.19 17.33
C ILE A 34 20.17 15.38 16.39
N PHE A 35 19.88 15.11 15.12
CA PHE A 35 19.82 16.14 14.09
C PHE A 35 18.37 16.56 13.89
N ILE A 36 18.07 17.82 14.20
CA ILE A 36 16.72 18.36 14.08
C ILE A 36 16.81 19.83 13.71
N ASN A 37 16.11 20.22 12.65
CA ASN A 37 16.15 21.59 12.16
C ASN A 37 17.59 22.03 11.88
N ASN A 38 18.39 21.11 11.34
CA ASN A 38 19.78 21.38 11.00
C ASN A 38 20.63 21.72 12.21
N GLU A 39 20.19 21.34 13.41
CA GLU A 39 20.91 21.59 14.65
C GLU A 39 21.11 20.27 15.39
N TRP A 40 22.18 20.21 16.19
CA TRP A 40 22.54 19.02 16.93
C TRP A 40 22.11 19.16 18.39
N HIS A 41 21.41 18.14 18.89
CA HIS A 41 20.77 18.16 20.19
C HIS A 41 21.18 16.93 21.01
N GLU A 42 21.17 17.12 22.33
CA GLU A 42 21.28 16.04 23.30
C GLU A 42 19.92 15.40 23.55
N SER A 43 19.96 14.14 23.99
CA SER A 43 18.75 13.43 24.36
C SER A 43 17.92 14.23 25.34
N LYS A 44 16.60 14.13 25.21
CA LYS A 44 15.74 14.65 26.27
C LYS A 44 16.14 14.07 27.61
N SER A 45 16.37 12.75 27.65
CA SER A 45 16.74 12.07 28.88
C SER A 45 18.20 12.24 29.22
N GLY A 46 19.04 12.63 28.26
CA GLY A 46 20.46 12.64 28.49
C GLY A 46 21.13 11.31 28.26
N LYS A 47 20.36 10.22 28.19
CA LYS A 47 20.92 8.90 27.94
C LYS A 47 21.76 8.91 26.67
N LYS A 48 22.74 8.02 26.63
CA LYS A 48 23.58 7.83 25.45
C LYS A 48 23.92 6.35 25.34
N PHE A 49 24.07 5.87 24.12
CA PHE A 49 24.48 4.50 23.92
C PHE A 49 25.81 4.46 23.18
N ALA A 50 26.38 3.27 23.04
CA ALA A 50 27.69 3.11 22.44
C ALA A 50 27.59 2.29 21.16
N THR A 51 28.28 2.74 20.13
CA THR A 51 28.46 1.97 18.91
C THR A 51 29.88 1.41 18.88
N CYS A 52 30.01 0.14 18.50
CA CYS A 52 31.25 -0.58 18.58
C CYS A 52 31.69 -1.07 17.20
N ASN A 53 32.93 -1.53 17.13
CA ASN A 53 33.53 -1.98 15.88
C ASN A 53 33.44 -3.49 15.79
N PRO A 54 32.79 -4.04 14.77
CA PRO A 54 32.68 -5.51 14.68
C PRO A 54 34.02 -6.22 14.53
N SER A 55 35.09 -5.51 14.14
CA SER A 55 36.41 -6.11 14.00
C SER A 55 37.25 -5.90 15.26
N THR A 56 37.45 -4.64 15.66
CA THR A 56 38.18 -4.36 16.90
C THR A 56 37.52 -5.01 18.11
N ARG A 57 36.24 -5.38 18.00
CA ARG A 57 35.47 -5.97 19.09
C ARG A 57 35.41 -5.01 20.27
N GLU A 58 35.95 -3.79 20.08
CA GLU A 58 35.98 -2.74 21.09
C GLU A 58 35.06 -1.59 20.69
N GLN A 59 34.72 -0.75 21.68
CA GLN A 59 33.77 0.34 21.47
C GLN A 59 34.33 1.42 20.55
N ILE A 60 33.55 1.79 19.53
CA ILE A 60 33.94 2.87 18.63
C ILE A 60 33.74 4.23 19.31
N CYS A 61 32.49 4.55 19.66
CA CYS A 61 32.18 5.88 20.17
C CYS A 61 30.81 5.83 20.84
N GLU A 62 30.37 6.99 21.32
CA GLU A 62 29.07 7.14 21.95
C GLU A 62 28.16 8.05 21.12
N VAL A 63 26.88 7.67 21.03
CA VAL A 63 25.87 8.38 20.27
C VAL A 63 24.71 8.72 21.18
N GLU A 64 24.11 9.88 20.96
CA GLU A 64 22.92 10.27 21.72
C GLU A 64 21.82 9.23 21.55
N GLU A 65 21.15 8.89 22.65
CA GLU A 65 20.08 7.90 22.65
C GLU A 65 18.74 8.60 22.76
N GLY A 66 18.06 8.75 21.61
CA GLY A 66 16.75 9.38 21.61
C GLY A 66 15.63 8.44 22.02
N ASP A 67 14.48 9.04 22.28
CA ASP A 67 13.28 8.31 22.67
C ASP A 67 12.07 9.18 22.32
N LYS A 68 10.88 8.71 22.71
CA LYS A 68 9.62 9.35 22.31
C LYS A 68 9.65 10.87 22.28
N PRO A 69 10.17 11.56 23.30
CA PRO A 69 10.18 13.03 23.22
C PRO A 69 10.99 13.57 22.04
N ASP A 70 12.17 13.00 21.81
CA ASP A 70 12.97 13.42 20.66
C ASP A 70 12.24 13.15 19.35
N VAL A 71 11.51 12.04 19.28
CA VAL A 71 10.73 11.76 18.08
C VAL A 71 9.62 12.79 17.92
N ASP A 72 8.99 13.20 19.03
CA ASP A 72 7.97 14.26 18.96
C ASP A 72 8.56 15.54 18.41
N LYS A 73 9.75 15.92 18.91
CA LYS A 73 10.39 17.14 18.43
C LYS A 73 10.71 17.05 16.94
N ALA A 74 11.28 15.92 16.50
CA ALA A 74 11.61 15.78 15.09
C ALA A 74 10.37 15.82 14.21
N VAL A 75 9.29 15.18 14.66
CA VAL A 75 8.07 15.18 13.86
C VAL A 75 7.50 16.58 13.75
N GLU A 76 7.56 17.35 14.84
CA GLU A 76 7.11 18.73 14.79
C GLU A 76 7.95 19.52 13.81
N ALA A 77 9.27 19.36 13.86
CA ALA A 77 10.14 20.05 12.91
C ALA A 77 9.76 19.69 11.48
N ALA A 78 9.53 18.40 11.22
CA ALA A 78 9.23 17.98 9.86
C ALA A 78 7.88 18.53 9.40
N GLN A 79 6.92 18.61 10.32
CA GLN A 79 5.64 19.19 9.95
C GLN A 79 5.78 20.68 9.63
N VAL A 80 6.62 21.38 10.38
CA VAL A 80 6.78 22.80 10.12
C VAL A 80 7.51 23.02 8.79
N ALA A 81 8.51 22.20 8.50
CA ALA A 81 9.20 22.33 7.21
C ALA A 81 8.30 21.97 6.05
N PHE A 82 7.26 21.17 6.29
CA PHE A 82 6.32 20.75 5.27
C PHE A 82 5.09 21.62 5.20
N GLN A 83 4.90 22.52 6.17
CA GLN A 83 3.72 23.35 6.19
C GLN A 83 3.64 24.20 4.93
N ARG A 84 2.41 24.41 4.46
CA ARG A 84 2.18 25.17 3.24
C ARG A 84 2.81 26.55 3.34
N GLY A 85 3.50 26.96 2.28
CA GLY A 85 4.19 28.23 2.29
C GLY A 85 5.58 28.20 2.88
N SER A 86 6.04 27.05 3.39
CA SER A 86 7.39 26.96 3.90
C SER A 86 8.40 27.07 2.77
N PRO A 87 9.64 27.41 3.08
CA PRO A 87 10.67 27.44 2.02
C PRO A 87 10.75 26.14 1.24
N TRP A 88 10.63 25.01 1.93
CA TRP A 88 10.68 23.72 1.25
C TRP A 88 9.53 23.57 0.26
N ARG A 89 8.32 23.95 0.68
CA ARG A 89 7.17 23.81 -0.21
C ARG A 89 7.31 24.73 -1.42
N ARG A 90 7.76 25.96 -1.21
CA ARG A 90 7.81 26.96 -2.28
C ARG A 90 8.83 26.65 -3.36
N LEU A 91 9.76 25.74 -3.10
CA LEU A 91 10.83 25.47 -4.06
C LEU A 91 10.38 25.00 -5.44
N ASP A 92 11.24 25.23 -6.43
CA ASP A 92 11.02 24.67 -7.74
C ASP A 92 11.28 23.17 -7.78
N ALA A 93 10.54 22.47 -8.64
CA ALA A 93 10.78 21.05 -8.79
C ALA A 93 12.22 20.91 -9.23
N LEU A 94 12.60 21.66 -10.26
CA LEU A 94 13.98 21.62 -10.74
C LEU A 94 14.95 21.97 -9.63
N SER A 95 14.55 22.86 -8.72
CA SER A 95 15.45 23.24 -7.63
C SER A 95 15.58 22.13 -6.59
N ARG A 96 14.51 21.40 -6.29
CA ARG A 96 14.66 20.22 -5.44
C ARG A 96 15.62 19.22 -6.07
N GLY A 97 15.49 19.00 -7.38
CA GLY A 97 16.44 18.13 -8.05
C GLY A 97 17.87 18.63 -7.90
N ARG A 98 18.08 19.94 -8.08
CA ARG A 98 19.40 20.51 -7.92
C ARG A 98 19.94 20.27 -6.52
N LEU A 99 19.08 20.41 -5.51
CA LEU A 99 19.48 20.15 -4.12
C LEU A 99 19.94 18.71 -3.93
N LEU A 100 19.18 17.76 -4.48
CA LEU A 100 19.61 16.36 -4.40
C LEU A 100 20.95 16.17 -5.08
N HIS A 101 21.18 16.86 -6.21
CA HIS A 101 22.46 16.77 -6.89
C HIS A 101 23.58 17.36 -6.02
N GLN A 102 23.28 18.43 -5.30
CA GLN A 102 24.26 19.01 -4.38
C GLN A 102 24.63 18.01 -3.30
N LEU A 103 23.63 17.36 -2.71
CA LEU A 103 23.90 16.33 -1.72
C LEU A 103 24.75 15.20 -2.30
N ALA A 104 24.48 14.81 -3.53
CA ALA A 104 25.30 13.77 -4.15
C ALA A 104 26.74 14.24 -4.30
N ASP A 105 26.93 15.49 -4.76
CA ASP A 105 28.27 16.03 -4.89
C ASP A 105 29.01 15.99 -3.56
N LEU A 106 28.35 16.43 -2.49
CA LEU A 106 28.98 16.40 -1.17
C LEU A 106 29.32 14.96 -0.78
N VAL A 107 28.38 14.04 -0.96
CA VAL A 107 28.67 12.64 -0.65
C VAL A 107 29.91 12.18 -1.38
N GLU A 108 30.06 12.57 -2.64
CA GLU A 108 31.22 12.13 -3.41
C GLU A 108 32.49 12.77 -2.89
N ARG A 109 32.45 14.07 -2.59
CA ARG A 109 33.62 14.73 -2.00
C ARG A 109 34.10 13.96 -0.77
N ASP A 110 33.20 13.69 0.18
CA ASP A 110 33.53 12.96 1.40
C ASP A 110 33.33 11.45 1.26
N ARG A 111 33.52 10.90 0.06
CA ARG A 111 33.23 9.49 -0.17
C ARG A 111 34.09 8.58 0.70
N ALA A 112 35.38 8.89 0.83
CA ALA A 112 36.27 8.04 1.61
C ALA A 112 35.96 8.12 3.10
N THR A 113 35.69 9.32 3.61
CA THR A 113 35.27 9.47 5.00
C THR A 113 34.04 8.61 5.30
N LEU A 114 33.05 8.66 4.41
CA LEU A 114 31.83 7.88 4.63
C LEU A 114 32.11 6.39 4.57
N ALA A 115 32.92 5.94 3.60
CA ALA A 115 33.29 4.53 3.56
C ALA A 115 34.01 4.12 4.83
N ALA A 116 34.88 4.99 5.35
CA ALA A 116 35.61 4.66 6.57
C ALA A 116 34.67 4.51 7.76
N LEU A 117 33.72 5.44 7.90
CA LEU A 117 32.72 5.31 8.95
C LEU A 117 31.91 4.03 8.78
N GLU A 118 31.54 3.71 7.54
CA GLU A 118 30.73 2.53 7.29
C GLU A 118 31.47 1.26 7.68
N THR A 119 32.76 1.19 7.35
CA THR A 119 33.54 -0.01 7.67
C THR A 119 33.80 -0.09 9.17
N MET A 120 34.10 1.04 9.81
CA MET A 120 34.21 1.02 11.26
C MET A 120 32.93 0.50 11.91
N ASP A 121 31.77 0.95 11.42
CA ASP A 121 30.50 0.61 12.10
C ASP A 121 30.03 -0.81 11.81
N THR A 122 30.24 -1.29 10.58
CA THR A 122 29.73 -2.59 10.19
C THR A 122 30.81 -3.65 10.04
N GLY A 123 32.09 -3.27 10.11
CA GLY A 123 33.14 -4.21 9.80
C GLY A 123 33.18 -4.64 8.35
N LYS A 124 32.49 -3.92 7.47
CA LYS A 124 32.51 -4.25 6.05
C LYS A 124 33.84 -3.83 5.43
N PRO A 125 34.36 -4.60 4.49
CA PRO A 125 35.62 -4.22 3.83
C PRO A 125 35.56 -2.80 3.30
N PHE A 126 36.57 -2.00 3.67
CA PHE A 126 36.59 -0.60 3.25
C PHE A 126 36.45 -0.47 1.74
N LEU A 127 37.06 -1.38 0.99
CA LEU A 127 36.88 -1.34 -0.46
C LEU A 127 35.43 -1.60 -0.83
N HIS A 128 34.78 -2.56 -0.17
CA HIS A 128 33.37 -2.81 -0.44
C HIS A 128 32.55 -1.56 -0.16
N ALA A 129 32.82 -0.88 0.95
CA ALA A 129 32.06 0.32 1.28
C ALA A 129 32.33 1.42 0.28
N PHE A 130 33.54 1.51 -0.24
CA PHE A 130 33.86 2.59 -1.16
C PHE A 130 33.26 2.36 -2.54
N PHE A 131 33.33 1.13 -3.04
CA PHE A 131 32.95 0.81 -4.40
C PHE A 131 31.57 0.18 -4.52
N ILE A 132 30.83 0.06 -3.42
CA ILE A 132 29.49 -0.52 -3.49
C ILE A 132 28.50 0.40 -2.79
N ASP A 133 28.62 0.51 -1.46
CA ASP A 133 27.68 1.33 -0.70
C ASP A 133 27.63 2.75 -1.23
N LEU A 134 28.77 3.44 -1.23
CA LEU A 134 28.78 4.84 -1.64
C LEU A 134 28.46 5.00 -3.13
N GLU A 135 28.90 4.06 -3.96
CA GLU A 135 28.54 4.11 -5.38
C GLU A 135 27.03 4.09 -5.55
N GLY A 136 26.37 3.11 -4.93
CA GLY A 136 24.93 3.03 -5.02
C GLY A 136 24.25 4.25 -4.44
N CYS A 137 24.78 4.77 -3.34
CA CYS A 137 24.24 5.98 -2.73
C CYS A 137 24.25 7.13 -3.74
N ILE A 138 25.40 7.36 -4.36
CA ILE A 138 25.53 8.47 -5.30
C ILE A 138 24.60 8.29 -6.49
N ARG A 139 24.59 7.08 -7.06
CA ARG A 139 23.75 6.82 -8.22
C ARG A 139 22.28 7.01 -7.89
N THR A 140 21.82 6.51 -6.74
CA THR A 140 20.42 6.68 -6.33
C THR A 140 20.08 8.15 -6.17
N LEU A 141 20.97 8.91 -5.54
CA LEU A 141 20.74 10.34 -5.41
C LEU A 141 20.59 11.00 -6.77
N ARG A 142 21.50 10.70 -7.71
CA ARG A 142 21.43 11.31 -9.04
C ARG A 142 20.13 10.97 -9.73
N TYR A 143 19.76 9.69 -9.70
CA TYR A 143 18.53 9.25 -10.36
C TYR A 143 17.32 10.00 -9.84
N PHE A 144 17.08 9.93 -8.53
CA PHE A 144 15.85 10.54 -8.06
C PHE A 144 15.92 12.06 -8.16
N ALA A 145 17.12 12.64 -8.14
CA ALA A 145 17.25 14.06 -8.47
C ALA A 145 16.72 14.33 -9.87
N GLY A 146 17.04 13.44 -10.81
CA GLY A 146 16.47 13.57 -12.14
C GLY A 146 14.96 13.47 -12.16
N TRP A 147 14.39 12.70 -11.23
CA TRP A 147 12.92 12.55 -11.22
C TRP A 147 12.15 13.75 -10.67
N ALA A 148 12.81 14.72 -10.03
CA ALA A 148 12.09 15.69 -9.22
C ALA A 148 11.06 16.48 -10.03
N ASP A 149 11.49 17.08 -11.14
CA ASP A 149 10.61 17.90 -11.96
C ASP A 149 9.90 17.09 -13.05
N LYS A 150 9.84 15.77 -12.90
CA LYS A 150 9.20 14.89 -13.88
C LYS A 150 8.18 13.99 -13.22
N ILE A 151 7.62 14.44 -12.10
CA ILE A 151 6.59 13.71 -11.37
C ILE A 151 5.25 14.27 -11.83
N GLN A 152 4.60 13.58 -12.75
CA GLN A 152 3.45 14.13 -13.46
C GLN A 152 2.21 13.30 -13.24
N GLY A 153 1.09 13.97 -12.98
CA GLY A 153 -0.21 13.34 -12.90
C GLY A 153 -0.87 13.31 -14.26
N LYS A 154 -2.20 13.21 -14.25
CA LYS A 154 -2.95 12.97 -15.47
C LYS A 154 -4.07 13.99 -15.64
N THR A 155 -4.43 14.25 -16.89
CA THR A 155 -5.68 14.93 -17.25
C THR A 155 -6.56 13.89 -17.93
N ILE A 156 -7.81 13.77 -17.47
CA ILE A 156 -8.64 12.59 -17.69
C ILE A 156 -9.84 12.99 -18.53
N PRO A 157 -10.19 12.24 -19.59
CA PRO A 157 -11.41 12.53 -20.36
C PRO A 157 -12.64 11.98 -19.66
N THR A 158 -13.70 12.80 -19.58
CA THR A 158 -14.90 12.38 -18.84
C THR A 158 -16.22 12.75 -19.55
N ASP A 159 -16.46 14.04 -19.72
CA ASP A 159 -17.68 14.58 -20.30
C ASP A 159 -17.37 15.90 -20.96
N ASP A 160 -18.27 16.36 -21.83
CA ASP A 160 -17.98 17.55 -22.62
C ASP A 160 -17.80 18.78 -21.74
N ASN A 161 -18.58 18.88 -20.66
CA ASN A 161 -18.62 20.06 -19.80
C ASN A 161 -17.72 19.94 -18.57
N VAL A 162 -16.92 18.89 -18.46
CA VAL A 162 -16.15 18.62 -17.26
C VAL A 162 -14.66 18.72 -17.56
N VAL A 163 -13.89 19.13 -16.55
CA VAL A 163 -12.43 19.14 -16.59
C VAL A 163 -11.94 18.33 -15.41
N CYS A 164 -11.27 17.21 -15.68
CA CYS A 164 -10.89 16.27 -14.65
C CYS A 164 -9.39 16.00 -14.74
N PHE A 165 -8.69 16.12 -13.63
CA PHE A 165 -7.27 15.82 -13.65
C PHE A 165 -6.81 15.35 -12.28
N THR A 166 -5.59 14.81 -12.23
CA THR A 166 -5.02 14.28 -11.00
C THR A 166 -3.69 14.98 -10.71
N ARG A 167 -3.47 15.28 -9.45
CA ARG A 167 -2.19 15.75 -8.96
C ARG A 167 -1.55 14.64 -8.12
N HIS A 168 -0.24 14.52 -8.23
CA HIS A 168 0.53 13.64 -7.36
C HIS A 168 1.25 14.53 -6.36
N GLU A 169 0.76 14.52 -5.12
CA GLU A 169 1.30 15.41 -4.11
C GLU A 169 2.17 14.66 -3.14
N PRO A 170 3.08 15.34 -2.45
CA PRO A 170 3.86 14.68 -1.40
C PRO A 170 2.93 14.15 -0.31
N ILE A 171 3.26 12.96 0.20
CA ILE A 171 2.44 12.36 1.25
C ILE A 171 2.57 13.11 2.57
N GLY A 172 3.67 13.82 2.78
CA GLY A 172 3.87 14.54 4.02
C GLY A 172 5.12 14.13 4.77
N VAL A 173 4.98 13.89 6.07
CA VAL A 173 6.11 13.48 6.89
C VAL A 173 6.32 11.98 6.73
N CYS A 174 7.56 11.59 6.43
CA CYS A 174 7.92 10.22 6.15
C CYS A 174 8.98 9.79 7.15
N GLY A 175 8.70 8.71 7.88
CA GLY A 175 9.70 8.09 8.73
C GLY A 175 10.41 6.98 8.00
N ALA A 176 11.70 6.85 8.24
CA ALA A 176 12.52 5.78 7.65
C ALA A 176 13.22 4.99 8.74
N ILE A 177 13.18 3.65 8.63
CA ILE A 177 13.85 2.76 9.58
C ILE A 177 14.68 1.74 8.81
N THR A 178 15.96 1.65 9.12
CA THR A 178 16.94 0.93 8.32
C THR A 178 17.74 -0.05 9.16
N PRO A 179 18.31 -1.09 8.52
CA PRO A 179 19.05 -2.11 9.26
C PRO A 179 20.55 -1.80 9.32
N TRP A 180 21.35 -2.80 9.67
CA TRP A 180 22.79 -2.65 9.85
C TRP A 180 23.60 -3.16 8.66
N ASN A 181 23.03 -4.01 7.80
CA ASN A 181 23.82 -4.64 6.76
C ASN A 181 24.36 -3.61 5.76
N PHE A 182 23.49 -2.69 5.32
CA PHE A 182 23.88 -1.58 4.43
C PHE A 182 23.28 -0.31 5.00
N PRO A 183 23.85 0.21 6.10
CA PRO A 183 23.18 1.30 6.84
C PRO A 183 22.88 2.51 5.98
N LEU A 184 23.90 3.04 5.30
CA LEU A 184 23.69 4.26 4.54
C LEU A 184 22.89 4.00 3.26
N LEU A 185 23.21 2.92 2.56
CA LEU A 185 22.55 2.66 1.27
C LEU A 185 21.05 2.49 1.44
N MET A 186 20.62 1.60 2.33
CA MET A 186 19.20 1.46 2.62
C MET A 186 18.59 2.80 3.02
N LEU A 187 19.40 3.70 3.55
CA LEU A 187 18.94 5.03 3.97
C LEU A 187 18.74 5.94 2.76
N VAL A 188 19.70 5.94 1.84
CA VAL A 188 19.57 6.71 0.61
C VAL A 188 18.36 6.23 -0.19
N TRP A 189 18.15 4.91 -0.26
CA TRP A 189 17.02 4.38 -1.03
C TRP A 189 15.69 5.01 -0.63
N LYS A 190 15.56 5.45 0.62
CA LYS A 190 14.34 6.09 1.08
C LYS A 190 14.42 7.60 1.03
N LEU A 191 15.54 8.18 1.43
CA LEU A 191 15.64 9.63 1.45
C LEU A 191 15.56 10.21 0.05
N ALA A 192 16.25 9.61 -0.93
CA ALA A 192 16.24 10.17 -2.28
C ALA A 192 14.83 10.30 -2.84
N PRO A 193 14.07 9.21 -3.01
CA PRO A 193 12.73 9.37 -3.61
C PRO A 193 11.80 10.20 -2.75
N ALA A 194 11.85 10.04 -1.43
CA ALA A 194 10.99 10.81 -0.56
C ALA A 194 11.27 12.31 -0.69
N LEU A 195 12.54 12.68 -0.82
CA LEU A 195 12.87 14.09 -0.92
C LEU A 195 12.54 14.65 -2.30
N CYS A 196 12.79 13.88 -3.36
CA CYS A 196 12.51 14.43 -4.68
C CYS A 196 11.03 14.66 -4.90
N CYS A 197 10.17 13.98 -4.15
CA CYS A 197 8.74 14.23 -4.20
C CYS A 197 8.31 15.34 -3.25
N GLY A 198 9.26 15.97 -2.56
CA GLY A 198 8.93 17.08 -1.66
C GLY A 198 8.32 16.68 -0.34
N ASN A 199 8.84 15.63 0.30
CA ASN A 199 8.39 15.27 1.62
C ASN A 199 9.36 15.78 2.67
N THR A 200 9.03 15.56 3.93
CA THR A 200 9.95 15.76 5.03
C THR A 200 10.05 14.46 5.81
N MET A 201 11.18 14.27 6.50
CA MET A 201 11.52 12.96 7.02
C MET A 201 11.99 13.00 8.47
N VAL A 202 11.70 11.90 9.16
CA VAL A 202 12.32 11.54 10.44
C VAL A 202 12.96 10.18 10.22
N LEU A 203 14.29 10.12 10.26
CA LEU A 203 15.04 8.89 10.01
C LEU A 203 15.55 8.30 11.32
N LYS A 204 15.68 6.97 11.32
CA LYS A 204 16.26 6.24 12.45
C LYS A 204 17.18 5.16 11.93
N PRO A 205 18.49 5.36 12.03
CA PRO A 205 19.42 4.27 11.71
C PRO A 205 19.37 3.19 12.79
N ALA A 206 19.90 2.02 12.43
CA ALA A 206 19.98 0.93 13.40
C ALA A 206 20.82 1.35 14.59
N GLU A 207 20.58 0.72 15.74
CA GLU A 207 21.40 0.99 16.91
C GLU A 207 22.87 0.65 16.64
N GLN A 208 23.12 -0.40 15.86
CA GLN A 208 24.49 -0.87 15.65
C GLN A 208 25.32 0.11 14.83
N THR A 209 24.68 0.87 13.93
CA THR A 209 25.38 1.61 12.88
C THR A 209 24.68 2.93 12.61
N PRO A 210 24.79 3.88 13.54
CA PRO A 210 24.20 5.22 13.34
C PRO A 210 25.15 6.29 12.82
N LEU A 211 26.43 5.98 12.57
CA LEU A 211 27.41 7.03 12.32
C LEU A 211 27.24 7.65 10.93
N THR A 212 27.14 6.81 9.91
CA THR A 212 26.99 7.31 8.55
C THR A 212 25.75 8.19 8.42
N ALA A 213 24.65 7.81 9.08
CA ALA A 213 23.44 8.61 8.99
C ALA A 213 23.65 10.01 9.53
N LEU A 214 24.34 10.15 10.67
CA LEU A 214 24.58 11.46 11.25
C LEU A 214 25.53 12.27 10.38
N TYR A 215 26.57 11.64 9.84
CA TYR A 215 27.45 12.36 8.92
C TYR A 215 26.66 12.87 7.71
N LEU A 216 25.76 12.03 7.18
CA LEU A 216 24.91 12.46 6.07
C LEU A 216 24.02 13.62 6.49
N GLY A 217 23.61 13.67 7.75
CA GLY A 217 22.84 14.82 8.20
C GLY A 217 23.67 16.10 8.13
N SER A 218 24.92 16.02 8.55
CA SER A 218 25.82 17.15 8.38
C SER A 218 25.90 17.56 6.91
N LEU A 219 26.04 16.57 6.02
CA LEU A 219 26.10 16.86 4.60
C LEU A 219 24.82 17.51 4.09
N ILE A 220 23.67 17.05 4.56
CA ILE A 220 22.39 17.65 4.19
C ILE A 220 22.37 19.12 4.58
N LYS A 221 22.75 19.42 5.82
CA LYS A 221 22.81 20.81 6.25
C LYS A 221 23.73 21.62 5.33
N GLU A 222 24.92 21.10 5.07
CA GLU A 222 25.86 21.84 4.23
C GLU A 222 25.29 22.12 2.84
N ALA A 223 24.55 21.16 2.29
CA ALA A 223 24.06 21.30 0.92
C ALA A 223 22.99 22.37 0.78
N GLY A 224 22.33 22.75 1.85
CA GLY A 224 21.35 23.81 1.81
C GLY A 224 19.89 23.40 1.92
N PHE A 225 19.60 22.18 2.36
CA PHE A 225 18.22 21.81 2.58
C PHE A 225 17.64 22.67 3.70
N PRO A 226 16.43 23.20 3.55
CA PRO A 226 15.85 24.02 4.61
C PRO A 226 15.76 23.22 5.90
N PRO A 227 15.88 23.87 7.05
CA PRO A 227 15.79 23.13 8.32
C PRO A 227 14.43 22.47 8.48
N GLY A 228 14.45 21.28 9.10
CA GLY A 228 13.25 20.52 9.36
C GLY A 228 12.86 19.54 8.28
N VAL A 229 13.50 19.59 7.11
CA VAL A 229 13.15 18.69 6.01
C VAL A 229 13.63 17.28 6.29
N VAL A 230 14.81 17.14 6.91
CA VAL A 230 15.36 15.85 7.28
C VAL A 230 15.85 15.92 8.73
N ASN A 231 15.28 15.08 9.59
CA ASN A 231 15.73 14.97 10.96
C ASN A 231 16.14 13.54 11.25
N ILE A 232 17.13 13.38 12.12
CA ILE A 232 17.73 12.07 12.38
C ILE A 232 17.76 11.85 13.88
N VAL A 233 17.11 10.78 14.33
CA VAL A 233 17.07 10.48 15.77
C VAL A 233 17.56 9.06 16.00
N PRO A 234 18.81 8.86 16.39
CA PRO A 234 19.28 7.51 16.71
C PRO A 234 18.64 6.98 17.98
N GLY A 235 18.67 5.66 18.11
CA GLY A 235 18.05 4.99 19.24
C GLY A 235 17.70 3.56 18.90
N PHE A 236 17.04 2.91 19.86
CA PHE A 236 16.75 1.49 19.75
C PHE A 236 15.38 1.25 19.11
N GLY A 237 15.21 0.03 18.59
CA GLY A 237 14.03 -0.35 17.87
C GLY A 237 12.75 -0.13 18.66
N PRO A 238 12.67 -0.71 19.87
CA PRO A 238 11.42 -0.60 20.64
C PRO A 238 11.13 0.80 21.17
N THR A 239 12.12 1.69 21.24
CA THR A 239 11.94 3.07 21.70
C THR A 239 11.70 4.04 20.55
N VAL A 240 12.69 4.29 19.70
CA VAL A 240 12.51 5.28 18.65
C VAL A 240 11.71 4.68 17.50
N GLY A 241 12.02 3.44 17.11
CA GLY A 241 11.27 2.81 16.05
C GLY A 241 9.78 2.77 16.35
N ALA A 242 9.41 2.29 17.53
CA ALA A 242 8.00 2.22 17.88
C ALA A 242 7.38 3.60 17.93
N ALA A 243 8.14 4.61 18.38
CA ALA A 243 7.62 5.97 18.43
C ALA A 243 7.29 6.48 17.03
N ILE A 244 8.12 6.13 16.05
CA ILE A 244 7.87 6.57 14.68
C ILE A 244 6.72 5.78 14.07
N SER A 245 6.77 4.46 14.19
CA SER A 245 5.80 3.64 13.48
C SER A 245 4.38 3.92 13.93
N SER A 246 4.19 4.35 15.18
CA SER A 246 2.84 4.63 15.66
C SER A 246 2.60 6.11 15.91
N HIS A 247 3.51 6.96 15.45
CA HIS A 247 3.32 8.39 15.67
C HIS A 247 2.08 8.88 14.93
N PRO A 248 1.24 9.72 15.57
CA PRO A 248 0.00 10.16 14.92
C PRO A 248 0.20 11.24 13.86
N GLN A 249 1.35 11.89 13.79
CA GLN A 249 1.60 12.95 12.83
C GLN A 249 2.55 12.54 11.71
N ILE A 250 2.86 11.25 11.60
CA ILE A 250 3.64 10.74 10.48
C ILE A 250 2.69 10.16 9.44
N ASN A 251 2.83 10.61 8.19
CA ASN A 251 1.92 10.15 7.14
C ASN A 251 2.40 8.89 6.45
N LYS A 252 3.71 8.75 6.25
CA LYS A 252 4.26 7.60 5.57
C LYS A 252 5.42 7.02 6.38
N ILE A 253 5.59 5.70 6.28
CA ILE A 253 6.69 5.02 6.93
C ILE A 253 7.31 4.03 5.93
N ALA A 254 8.63 3.95 5.94
CA ALA A 254 9.39 3.02 5.11
C ALA A 254 10.35 2.27 6.01
N PHE A 255 10.19 0.95 6.06
CA PHE A 255 10.99 0.09 6.92
C PHE A 255 11.73 -0.95 6.08
N THR A 256 13.01 -1.15 6.39
CA THR A 256 13.78 -2.26 5.81
C THR A 256 14.43 -3.03 6.95
N GLY A 257 14.11 -4.32 7.04
CA GLY A 257 14.62 -5.13 8.13
C GLY A 257 14.06 -6.53 8.15
N SER A 258 13.92 -7.10 9.34
CA SER A 258 13.44 -8.47 9.45
C SER A 258 11.94 -8.52 9.24
N THR A 259 11.46 -9.70 8.82
CA THR A 259 10.05 -9.85 8.51
C THR A 259 9.17 -9.62 9.73
N GLU A 260 9.62 -10.09 10.89
CA GLU A 260 8.80 -9.99 12.09
C GLU A 260 8.63 -8.53 12.51
N VAL A 261 9.74 -7.79 12.62
CA VAL A 261 9.63 -6.37 12.93
C VAL A 261 8.84 -5.65 11.86
N GLY A 262 8.89 -6.13 10.62
CA GLY A 262 8.08 -5.52 9.57
C GLY A 262 6.60 -5.68 9.85
N LYS A 263 6.17 -6.87 10.27
CA LYS A 263 4.79 -7.04 10.66
C LYS A 263 4.44 -6.13 11.83
N LEU A 264 5.34 -6.04 12.82
CA LEU A 264 5.11 -5.18 13.96
C LEU A 264 4.86 -3.74 13.53
N VAL A 265 5.73 -3.24 12.65
CA VAL A 265 5.63 -1.86 12.18
C VAL A 265 4.33 -1.66 11.41
N LYS A 266 3.99 -2.59 10.52
CA LYS A 266 2.81 -2.39 9.70
C LYS A 266 1.55 -2.38 10.56
N GLU A 267 1.50 -3.25 11.59
CA GLU A 267 0.31 -3.28 12.43
C GLU A 267 0.27 -2.11 13.41
N ALA A 268 1.44 -1.57 13.79
CA ALA A 268 1.45 -0.32 14.54
C ALA A 268 0.94 0.83 13.70
N ALA A 269 1.36 0.90 12.43
CA ALA A 269 0.83 1.91 11.52
C ALA A 269 -0.67 1.77 11.34
N SER A 270 -1.15 0.52 11.22
CA SER A 270 -2.58 0.30 11.12
C SER A 270 -3.30 0.75 12.37
N ARG A 271 -2.69 0.54 13.53
CA ARG A 271 -3.34 0.85 14.80
C ARG A 271 -3.34 2.33 15.12
N SER A 272 -2.34 3.08 14.64
CA SER A 272 -2.17 4.47 15.06
C SER A 272 -2.96 5.47 14.21
N ASN A 273 -2.61 5.60 12.94
CA ASN A 273 -3.19 6.67 12.13
C ASN A 273 -3.29 6.26 10.66
N LEU A 274 -3.18 4.97 10.35
CA LEU A 274 -3.34 4.46 8.99
C LEU A 274 -2.29 5.03 8.05
N LYS A 275 -1.08 5.26 8.55
CA LYS A 275 -0.01 5.74 7.68
C LYS A 275 0.34 4.67 6.65
N ARG A 276 0.69 5.12 5.45
CA ARG A 276 1.11 4.23 4.40
C ARG A 276 2.45 3.59 4.76
N VAL A 277 2.69 2.39 4.25
CA VAL A 277 3.84 1.61 4.69
C VAL A 277 4.53 0.99 3.48
N THR A 278 5.84 1.19 3.39
CA THR A 278 6.70 0.43 2.49
C THR A 278 7.57 -0.51 3.32
N LEU A 279 7.66 -1.76 2.91
CA LEU A 279 8.42 -2.78 3.65
C LEU A 279 9.36 -3.53 2.72
N GLU A 280 10.66 -3.43 2.99
CA GLU A 280 11.65 -4.27 2.33
C GLU A 280 12.14 -5.28 3.36
N LEU A 281 11.77 -6.54 3.19
CA LEU A 281 12.05 -7.56 4.20
C LEU A 281 13.06 -8.58 3.66
N GLY A 282 13.05 -9.77 4.26
CA GLY A 282 13.99 -10.82 3.91
C GLY A 282 13.47 -11.73 2.82
N GLY A 283 14.13 -12.88 2.68
CA GLY A 283 13.70 -13.84 1.68
C GLY A 283 14.56 -15.08 1.56
N LYS A 284 13.91 -16.21 1.32
CA LYS A 284 14.60 -17.46 0.99
C LYS A 284 14.88 -17.45 -0.52
N ASN A 285 15.86 -16.65 -0.89
CA ASN A 285 16.16 -16.35 -2.28
C ASN A 285 16.71 -17.56 -3.02
N PRO A 286 15.98 -18.14 -3.96
CA PRO A 286 16.48 -19.30 -4.69
C PRO A 286 17.42 -18.94 -5.82
N CYS A 287 18.23 -19.91 -6.21
CA CYS A 287 19.16 -19.79 -7.32
C CYS A 287 19.00 -21.04 -8.19
N ILE A 288 18.71 -20.86 -9.47
CA ILE A 288 18.35 -21.98 -10.33
C ILE A 288 19.38 -22.13 -11.44
N VAL A 289 20.08 -23.25 -11.46
CA VAL A 289 21.10 -23.55 -12.47
C VAL A 289 20.56 -24.63 -13.38
N CYS A 290 20.48 -24.33 -14.68
CA CYS A 290 20.01 -25.28 -15.67
C CYS A 290 21.17 -26.05 -16.29
N ALA A 291 20.83 -27.19 -16.90
CA ALA A 291 21.85 -28.05 -17.49
C ALA A 291 22.65 -27.32 -18.55
N ASP A 292 21.99 -26.51 -19.37
CA ASP A 292 22.66 -25.78 -20.43
C ASP A 292 23.29 -24.47 -19.96
N ALA A 293 23.43 -24.27 -18.66
CA ALA A 293 24.03 -23.05 -18.14
C ALA A 293 25.50 -22.95 -18.54
N ASP A 294 26.06 -21.74 -18.38
CA ASP A 294 27.52 -21.54 -18.40
C ASP A 294 28.00 -21.83 -16.98
N LEU A 295 28.29 -23.12 -16.74
CA LEU A 295 28.52 -23.60 -15.39
C LEU A 295 29.51 -22.74 -14.60
N ASP A 296 30.56 -22.25 -15.26
CA ASP A 296 31.54 -21.43 -14.56
C ASP A 296 30.89 -20.18 -13.98
N LEU A 297 30.20 -19.40 -14.82
CA LEU A 297 29.53 -18.20 -14.35
C LEU A 297 28.46 -18.54 -13.32
N ALA A 298 27.70 -19.61 -13.54
CA ALA A 298 26.67 -19.98 -12.58
C ALA A 298 27.26 -20.24 -11.20
N VAL A 299 28.31 -21.07 -11.14
CA VAL A 299 28.92 -21.40 -9.86
C VAL A 299 29.52 -20.15 -9.21
N GLU A 300 30.15 -19.30 -10.02
CA GLU A 300 30.76 -18.08 -9.49
C GLU A 300 29.71 -17.15 -8.91
N CYS A 301 28.60 -16.97 -9.62
CA CYS A 301 27.56 -16.07 -9.15
C CYS A 301 26.84 -16.65 -7.94
N ALA A 302 26.66 -17.96 -7.88
CA ALA A 302 26.09 -18.56 -6.69
C ALA A 302 27.02 -18.42 -5.49
N HIS A 303 28.31 -18.63 -5.70
CA HIS A 303 29.31 -18.38 -4.67
C HIS A 303 29.17 -16.96 -4.14
N GLN A 304 29.06 -15.99 -5.04
CA GLN A 304 28.88 -14.60 -4.62
C GLN A 304 27.59 -14.42 -3.83
N GLY A 305 26.47 -14.82 -4.41
CA GLY A 305 25.18 -14.65 -3.77
C GLY A 305 25.06 -15.35 -2.43
N VAL A 306 25.95 -16.29 -2.13
CA VAL A 306 25.88 -16.99 -0.85
C VAL A 306 26.90 -16.46 0.14
N PHE A 307 28.03 -15.93 -0.35
CA PHE A 307 29.14 -15.59 0.54
C PHE A 307 29.54 -14.12 0.56
N PHE A 308 28.86 -13.24 -0.20
CA PHE A 308 29.27 -11.84 -0.25
C PHE A 308 28.78 -11.08 0.97
N ASN A 309 29.58 -10.11 1.41
CA ASN A 309 29.30 -9.34 2.61
C ASN A 309 29.04 -10.27 3.79
N GLN A 310 29.80 -11.36 3.84
CA GLN A 310 29.67 -12.40 4.86
C GLN A 310 28.35 -13.14 4.78
N GLY A 311 27.67 -13.06 3.63
CA GLY A 311 26.37 -13.69 3.46
C GLY A 311 25.21 -12.97 4.13
N GLN A 312 25.41 -11.74 4.58
CA GLN A 312 24.43 -11.01 5.36
C GLN A 312 23.89 -9.83 4.55
N CYS A 313 23.13 -10.14 3.50
CA CYS A 313 22.41 -9.12 2.75
C CYS A 313 21.02 -9.65 2.43
N CYS A 314 20.11 -8.71 2.19
CA CYS A 314 18.72 -9.05 1.93
C CYS A 314 18.57 -10.01 0.74
N THR A 315 19.50 -9.95 -0.21
CA THR A 315 19.45 -10.73 -1.45
C THR A 315 20.31 -12.00 -1.39
N ALA A 316 20.50 -12.56 -0.19
CA ALA A 316 21.31 -13.76 -0.06
C ALA A 316 20.61 -14.95 -0.69
N ALA A 317 21.36 -15.73 -1.48
CA ALA A 317 20.85 -16.97 -2.06
C ALA A 317 20.91 -18.07 -1.00
N SER A 318 19.74 -18.52 -0.55
CA SER A 318 19.66 -19.56 0.46
C SER A 318 19.44 -20.96 -0.12
N ARG A 319 18.90 -21.03 -1.33
CA ARG A 319 18.61 -22.29 -2.01
C ARG A 319 19.27 -22.30 -3.38
N VAL A 320 19.80 -23.46 -3.78
CA VAL A 320 20.47 -23.55 -5.07
C VAL A 320 20.01 -24.81 -5.78
N PHE A 321 19.07 -24.67 -6.72
CA PHE A 321 18.57 -25.80 -7.51
C PHE A 321 19.46 -26.00 -8.72
N VAL A 322 20.03 -27.20 -8.86
CA VAL A 322 20.83 -27.55 -10.03
C VAL A 322 20.13 -28.71 -10.74
N GLU A 323 20.16 -28.69 -12.07
CA GLU A 323 19.57 -29.77 -12.83
C GLU A 323 20.52 -30.96 -12.85
N GLU A 324 19.95 -32.16 -12.72
CA GLU A 324 20.77 -33.35 -12.48
C GLU A 324 21.93 -33.45 -13.45
N GLN A 325 21.71 -33.10 -14.72
CA GLN A 325 22.74 -33.30 -15.74
C GLN A 325 24.08 -32.71 -15.33
N VAL A 326 24.08 -31.65 -14.52
CA VAL A 326 25.31 -31.00 -14.10
C VAL A 326 25.47 -30.97 -12.59
N TYR A 327 24.50 -31.53 -11.87
CA TYR A 327 24.51 -31.44 -10.41
C TYR A 327 25.90 -31.71 -9.84
N SER A 328 26.40 -32.92 -10.05
CA SER A 328 27.65 -33.31 -9.40
C SER A 328 28.76 -32.39 -9.84
N GLU A 329 28.85 -32.15 -11.15
CA GLU A 329 29.90 -31.27 -11.63
C GLU A 329 29.79 -29.91 -10.95
N PHE A 330 28.58 -29.34 -10.92
CA PHE A 330 28.37 -28.09 -10.20
C PHE A 330 28.92 -28.18 -8.78
N VAL A 331 28.47 -29.18 -8.01
CA VAL A 331 28.93 -29.32 -6.63
C VAL A 331 30.46 -29.30 -6.59
N ARG A 332 31.08 -30.12 -7.45
CA ARG A 332 32.54 -30.17 -7.44
C ARG A 332 33.10 -28.76 -7.58
N ARG A 333 32.72 -28.10 -8.68
CA ARG A 333 33.26 -26.77 -8.94
C ARG A 333 32.96 -25.84 -7.78
N SER A 334 31.77 -25.97 -7.19
CA SER A 334 31.42 -25.12 -6.06
C SER A 334 32.42 -25.28 -4.95
N VAL A 335 32.66 -26.52 -4.52
CA VAL A 335 33.65 -26.76 -3.48
C VAL A 335 34.97 -26.11 -3.89
N GLU A 336 35.41 -26.32 -5.13
CA GLU A 336 36.66 -25.72 -5.57
C GLU A 336 36.63 -24.21 -5.33
N TYR A 337 35.59 -23.54 -5.83
CA TYR A 337 35.56 -22.09 -5.74
C TYR A 337 35.53 -21.63 -4.30
N ALA A 338 34.97 -22.45 -3.40
CA ALA A 338 34.88 -22.04 -2.01
C ALA A 338 36.26 -22.00 -1.36
N LYS A 339 37.19 -22.84 -1.83
CA LYS A 339 38.51 -22.90 -1.21
C LYS A 339 39.24 -21.57 -1.35
N LYS A 340 39.32 -21.04 -2.58
CA LYS A 340 40.01 -19.77 -2.82
C LYS A 340 39.03 -18.61 -2.59
N ARG A 341 38.77 -18.34 -1.31
CA ARG A 341 37.99 -17.17 -0.92
C ARG A 341 38.69 -16.45 0.23
N PRO A 342 39.16 -15.22 0.02
CA PRO A 342 39.87 -14.51 1.09
C PRO A 342 39.00 -14.23 2.30
N VAL A 343 39.58 -14.40 3.49
CA VAL A 343 38.90 -14.12 4.75
C VAL A 343 39.94 -13.56 5.72
N GLY A 344 39.85 -12.26 6.01
CA GLY A 344 40.80 -11.63 6.91
C GLY A 344 40.43 -10.22 7.33
N ASP A 345 41.44 -9.36 7.44
CA ASP A 345 41.22 -7.99 7.87
C ASP A 345 40.25 -7.30 6.90
N PRO A 346 39.22 -6.60 7.40
CA PRO A 346 38.31 -5.89 6.50
C PRO A 346 39.00 -4.81 5.65
N PHE A 347 39.96 -4.09 6.21
CA PHE A 347 40.71 -3.10 5.45
C PHE A 347 41.76 -3.72 4.53
N ASP A 348 41.89 -5.05 4.55
CA ASP A 348 42.86 -5.72 3.70
C ASP A 348 42.40 -5.69 2.24
N VAL A 349 43.31 -5.28 1.35
CA VAL A 349 42.95 -5.08 -0.06
C VAL A 349 42.64 -6.40 -0.75
N LYS A 350 43.06 -7.53 -0.17
CA LYS A 350 42.84 -8.85 -0.75
C LYS A 350 41.80 -9.66 0.01
N THR A 351 40.89 -9.00 0.72
CA THR A 351 39.86 -9.67 1.49
C THR A 351 38.49 -9.46 0.86
N GLU A 352 37.66 -10.51 0.90
CA GLU A 352 36.31 -10.47 0.38
C GLU A 352 35.24 -10.59 1.45
N GLN A 353 35.61 -11.00 2.67
CA GLN A 353 34.65 -11.23 3.75
C GLN A 353 35.21 -10.71 5.06
N GLY A 354 34.45 -9.85 5.73
CA GLY A 354 34.80 -9.35 7.04
C GLY A 354 34.12 -10.14 8.14
N PRO A 355 33.99 -9.53 9.32
CA PRO A 355 33.34 -10.20 10.45
C PRO A 355 31.82 -10.11 10.34
N GLN A 356 31.15 -10.77 11.28
CA GLN A 356 29.69 -10.75 11.39
C GLN A 356 29.26 -9.44 12.07
N ILE A 357 27.99 -9.34 12.41
CA ILE A 357 27.50 -8.11 13.04
C ILE A 357 27.60 -8.20 14.56
N ASP A 358 26.97 -9.22 15.14
CA ASP A 358 26.97 -9.41 16.59
C ASP A 358 27.08 -10.92 16.82
N GLN A 359 26.79 -11.34 18.05
CA GLN A 359 26.98 -12.74 18.41
C GLN A 359 25.82 -13.64 18.02
N LYS A 360 24.58 -13.15 18.07
CA LYS A 360 23.44 -14.02 17.82
C LYS A 360 23.48 -14.60 16.42
N GLN A 361 23.87 -13.78 15.42
CA GLN A 361 23.89 -14.27 14.04
C GLN A 361 24.93 -15.39 13.87
N PHE A 362 26.14 -15.17 14.40
CA PHE A 362 27.17 -16.21 14.35
C PHE A 362 26.69 -17.48 15.06
N ASP A 363 26.13 -17.33 16.26
CA ASP A 363 25.66 -18.46 17.03
C ASP A 363 24.67 -19.30 16.22
N LYS A 364 23.62 -18.66 15.69
CA LYS A 364 22.59 -19.42 14.99
C LYS A 364 23.06 -19.92 13.63
N ILE A 365 24.03 -19.26 13.00
CA ILE A 365 24.57 -19.78 11.74
C ILE A 365 25.29 -21.09 11.98
N LEU A 366 26.16 -21.14 13.00
CA LEU A 366 26.82 -22.41 13.29
C LEU A 366 25.80 -23.46 13.73
N GLU A 367 24.81 -23.05 14.53
CA GLU A 367 23.79 -23.99 14.97
C GLU A 367 23.04 -24.60 13.79
N LEU A 368 22.68 -23.81 12.76
CA LEU A 368 21.96 -24.44 11.65
C LEU A 368 22.90 -25.16 10.68
N ILE A 369 24.20 -24.82 10.63
CA ILE A 369 25.13 -25.70 9.92
C ILE A 369 25.09 -27.08 10.54
N GLU A 370 25.15 -27.12 11.86
CA GLU A 370 25.09 -28.37 12.60
C GLU A 370 23.75 -29.08 12.38
N SER A 371 22.65 -28.31 12.33
CA SER A 371 21.35 -28.88 11.99
C SER A 371 21.39 -29.57 10.64
N GLY A 372 21.95 -28.89 9.63
CA GLY A 372 21.97 -29.46 8.29
C GLY A 372 22.79 -30.73 8.20
N LYS A 373 23.98 -30.73 8.81
CA LYS A 373 24.82 -31.92 8.76
C LYS A 373 24.17 -33.11 9.44
N LYS A 374 23.23 -32.88 10.36
CA LYS A 374 22.55 -33.94 11.08
C LYS A 374 21.27 -34.41 10.39
N GLU A 375 20.87 -33.81 9.27
CA GLU A 375 19.66 -34.20 8.58
C GLU A 375 19.90 -35.02 7.32
N GLY A 376 21.15 -35.21 6.93
CA GLY A 376 21.48 -36.07 5.81
C GLY A 376 22.09 -35.35 4.62
N ALA A 377 22.66 -34.17 4.81
CA ALA A 377 23.26 -33.40 3.73
C ALA A 377 24.78 -33.60 3.72
N LYS A 378 25.33 -33.96 2.57
CA LYS A 378 26.77 -34.08 2.42
C LYS A 378 27.44 -32.72 2.56
N LEU A 379 28.51 -32.65 3.34
CA LEU A 379 29.29 -31.44 3.50
C LEU A 379 30.64 -31.63 2.80
N GLU A 380 31.18 -30.53 2.30
CA GLU A 380 32.49 -30.56 1.66
C GLU A 380 33.42 -29.42 2.03
N CYS A 381 32.94 -28.37 2.70
CA CYS A 381 33.78 -27.23 3.03
C CYS A 381 33.46 -26.70 4.41
N GLY A 382 34.51 -26.20 5.08
CA GLY A 382 34.36 -25.46 6.33
C GLY A 382 33.48 -26.14 7.35
N GLY A 383 32.69 -25.33 8.05
CA GLY A 383 31.88 -25.80 9.15
C GLY A 383 32.30 -25.33 10.54
N SER A 384 33.19 -24.34 10.64
CA SER A 384 33.64 -23.84 11.94
C SER A 384 34.12 -22.39 11.81
N ALA A 385 34.61 -21.86 12.94
CA ALA A 385 35.18 -20.52 13.03
C ALA A 385 36.69 -20.58 12.90
N MET A 386 37.25 -19.60 12.18
CA MET A 386 38.70 -19.57 11.98
C MET A 386 39.45 -19.56 13.30
N GLU A 387 39.18 -18.57 14.13
CA GLU A 387 39.83 -18.38 15.42
C GLU A 387 38.90 -17.49 16.25
N ASP A 388 39.38 -17.09 17.43
CA ASP A 388 38.54 -16.34 18.36
C ASP A 388 38.97 -14.87 18.46
N LYS A 389 39.57 -14.32 17.38
CA LYS A 389 39.87 -12.90 17.32
C LYS A 389 38.71 -12.06 16.79
N GLY A 390 37.91 -12.61 15.88
CA GLY A 390 36.71 -11.92 15.44
C GLY A 390 35.53 -12.85 15.23
N LEU A 391 34.64 -12.50 14.31
CA LEU A 391 33.46 -13.30 13.99
C LEU A 391 33.55 -13.77 12.53
N PHE A 392 34.50 -14.66 12.25
CA PHE A 392 34.73 -15.18 10.91
C PHE A 392 34.26 -16.63 10.82
N ILE A 393 33.70 -17.00 9.68
CA ILE A 393 33.27 -18.38 9.42
C ILE A 393 33.86 -18.85 8.11
N LYS A 394 34.18 -20.15 8.04
CA LYS A 394 34.71 -20.72 6.82
C LYS A 394 33.59 -20.99 5.82
N PRO A 395 33.79 -20.66 4.53
CA PRO A 395 32.77 -20.93 3.50
C PRO A 395 32.32 -22.39 3.48
N THR A 396 31.03 -22.61 3.70
CA THR A 396 30.46 -23.95 3.78
C THR A 396 29.70 -24.28 2.49
N VAL A 397 29.74 -25.56 2.10
CA VAL A 397 29.08 -26.04 0.90
C VAL A 397 28.41 -27.37 1.22
N PHE A 398 27.08 -27.41 1.13
CA PHE A 398 26.34 -28.64 1.35
C PHE A 398 25.91 -29.26 0.02
N SER A 399 25.61 -30.55 0.08
CA SER A 399 25.20 -31.35 -1.07
C SER A 399 24.09 -32.28 -0.62
N GLU A 400 23.40 -32.88 -1.59
CA GLU A 400 22.34 -33.85 -1.29
C GLU A 400 21.35 -33.29 -0.28
N VAL A 401 20.88 -32.07 -0.54
CA VAL A 401 19.94 -31.38 0.34
C VAL A 401 18.53 -31.61 -0.17
N THR A 402 17.57 -31.63 0.75
CA THR A 402 16.17 -31.85 0.42
C THR A 402 15.33 -30.66 0.85
N ASP A 403 14.08 -30.62 0.37
CA ASP A 403 13.17 -29.55 0.75
C ASP A 403 12.87 -29.60 2.24
N ASN A 404 12.69 -30.81 2.79
CA ASN A 404 12.25 -31.01 4.17
C ASN A 404 13.33 -30.69 5.20
N MET A 405 14.55 -30.37 4.79
CA MET A 405 15.62 -30.04 5.71
C MET A 405 15.55 -28.57 6.10
N ARG A 406 15.98 -28.28 7.33
CA ARG A 406 15.94 -26.90 7.80
C ARG A 406 16.89 -26.02 7.00
N ILE A 407 17.99 -26.59 6.52
CA ILE A 407 18.94 -25.84 5.70
C ILE A 407 18.35 -25.43 4.36
N ALA A 408 17.19 -25.98 3.99
CA ALA A 408 16.52 -25.64 2.75
C ALA A 408 15.25 -24.84 2.95
N LYS A 409 14.86 -24.58 4.21
CA LYS A 409 13.61 -23.88 4.48
C LYS A 409 13.75 -22.65 5.38
N GLU A 410 14.92 -22.37 5.93
CA GLU A 410 15.09 -21.24 6.84
C GLU A 410 16.10 -20.26 6.27
N GLU A 411 15.75 -18.97 6.25
CA GLU A 411 16.66 -17.96 5.74
C GLU A 411 17.97 -18.03 6.51
N ILE A 412 19.06 -18.37 5.82
CA ILE A 412 20.33 -18.69 6.49
C ILE A 412 20.99 -17.46 7.10
N PHE A 413 21.16 -16.40 6.27
CA PHE A 413 21.84 -15.14 6.63
C PHE A 413 23.32 -15.40 7.00
N GLY A 414 23.98 -16.29 6.27
CA GLY A 414 25.37 -16.60 6.52
C GLY A 414 26.06 -17.39 5.41
N PRO A 415 27.38 -17.65 5.55
CA PRO A 415 28.11 -18.38 4.49
C PRO A 415 27.80 -19.88 4.46
N VAL A 416 26.84 -20.27 3.64
CA VAL A 416 26.49 -21.69 3.49
C VAL A 416 25.67 -21.87 2.22
N GLN A 417 26.04 -22.86 1.41
CA GLN A 417 25.50 -23.06 0.06
C GLN A 417 24.83 -24.42 0.00
N PRO A 418 23.57 -24.52 0.44
CA PRO A 418 22.83 -25.80 0.31
C PRO A 418 22.39 -26.02 -1.13
N ILE A 419 22.68 -27.20 -1.67
CA ILE A 419 22.53 -27.48 -3.09
C ILE A 419 21.54 -28.62 -3.26
N LEU A 420 20.43 -28.35 -3.95
CA LEU A 420 19.40 -29.33 -4.24
C LEU A 420 19.41 -29.66 -5.73
N LYS A 421 18.71 -30.74 -6.07
CA LYS A 421 18.74 -31.31 -7.41
C LYS A 421 17.32 -31.40 -7.96
N PHE A 422 17.17 -31.02 -9.23
CA PHE A 422 15.86 -31.05 -9.88
C PHE A 422 16.02 -31.53 -11.32
N LYS A 423 14.89 -31.95 -11.90
CA LYS A 423 14.85 -32.51 -13.24
C LYS A 423 14.02 -31.67 -14.21
N SER A 424 12.88 -31.17 -13.78
CA SER A 424 11.93 -30.49 -14.66
C SER A 424 11.93 -28.98 -14.40
N ILE A 425 11.51 -28.23 -15.42
CA ILE A 425 11.26 -26.80 -15.26
C ILE A 425 10.05 -26.58 -14.38
N GLU A 426 8.94 -27.26 -14.68
CA GLU A 426 7.74 -27.16 -13.85
C GLU A 426 8.04 -27.55 -12.41
N GLU A 427 8.88 -28.58 -12.23
CA GLU A 427 9.25 -29.03 -10.90
C GLU A 427 9.95 -27.91 -10.12
N VAL A 428 11.02 -27.36 -10.68
CA VAL A 428 11.76 -26.31 -9.99
C VAL A 428 10.88 -25.10 -9.76
N ILE A 429 9.96 -24.82 -10.68
CA ILE A 429 9.05 -23.70 -10.46
C ILE A 429 8.22 -23.94 -9.21
N LYS A 430 7.57 -25.12 -9.14
CA LYS A 430 6.75 -25.43 -7.97
C LYS A 430 7.56 -25.35 -6.69
N ARG A 431 8.77 -25.92 -6.70
CA ARG A 431 9.58 -25.94 -5.49
C ARG A 431 10.00 -24.54 -5.07
N ALA A 432 10.59 -23.78 -6.00
CA ALA A 432 11.03 -22.42 -5.67
C ALA A 432 9.87 -21.58 -5.16
N ASN A 433 8.69 -21.73 -5.77
CA ASN A 433 7.56 -20.92 -5.35
C ASN A 433 6.90 -21.41 -4.07
N SER A 434 7.19 -22.64 -3.61
CA SER A 434 6.57 -23.15 -2.38
C SER A 434 6.79 -22.29 -1.13
N THR A 435 7.80 -21.41 -1.14
CA THR A 435 8.13 -20.53 -0.01
C THR A 435 7.04 -19.46 0.19
N ASP A 436 7.14 -18.78 1.33
CA ASP A 436 6.35 -17.60 1.68
C ASP A 436 7.04 -16.30 1.35
N TYR A 437 8.29 -16.35 0.90
CA TYR A 437 9.04 -15.16 0.54
C TYR A 437 9.08 -15.03 -0.98
N GLY A 438 9.68 -13.95 -1.45
CA GLY A 438 9.74 -13.71 -2.88
C GLY A 438 10.51 -12.47 -3.23
N LEU A 439 11.66 -12.28 -2.59
CA LEU A 439 12.47 -11.09 -2.85
C LEU A 439 13.18 -11.19 -4.19
N THR A 440 14.09 -12.15 -4.33
CA THR A 440 14.86 -12.30 -5.55
C THR A 440 14.94 -13.77 -5.94
N ALA A 441 15.30 -14.00 -7.20
CA ALA A 441 15.58 -15.31 -7.74
C ALA A 441 16.58 -15.13 -8.87
N ALA A 442 17.42 -16.13 -9.09
CA ALA A 442 18.44 -16.08 -10.15
C ALA A 442 18.37 -17.34 -10.99
N VAL A 443 18.42 -17.17 -12.31
CA VAL A 443 18.35 -18.27 -13.26
C VAL A 443 19.58 -18.20 -14.16
N PHE A 444 20.24 -19.34 -14.35
CA PHE A 444 21.40 -19.42 -15.22
C PHE A 444 21.11 -20.44 -16.31
N THR A 445 21.04 -19.97 -17.56
CA THR A 445 20.75 -20.82 -18.69
C THR A 445 21.05 -20.04 -19.95
N LYS A 446 21.38 -20.78 -21.02
CA LYS A 446 21.56 -20.18 -22.34
C LYS A 446 20.32 -20.34 -23.20
N ASN A 447 19.30 -21.04 -22.72
CA ASN A 447 18.12 -21.33 -23.51
C ASN A 447 17.11 -20.20 -23.32
N LEU A 448 16.70 -19.59 -24.45
CA LEU A 448 15.76 -18.48 -24.41
C LEU A 448 14.43 -18.89 -23.78
N ASP A 449 13.87 -20.03 -24.20
CA ASP A 449 12.55 -20.43 -23.72
C ASP A 449 12.57 -20.71 -22.23
N LYS A 450 13.56 -21.45 -21.74
CA LYS A 450 13.62 -21.76 -20.32
C LYS A 450 13.83 -20.49 -19.50
N ALA A 451 14.77 -19.65 -19.93
CA ALA A 451 14.96 -18.36 -19.27
C ALA A 451 13.64 -17.61 -19.11
N LEU A 452 12.93 -17.38 -20.22
CA LEU A 452 11.73 -16.56 -20.14
C LEU A 452 10.61 -17.26 -19.38
N LYS A 453 10.42 -18.56 -19.57
CA LYS A 453 9.37 -19.26 -18.84
C LYS A 453 9.61 -19.14 -17.33
N LEU A 454 10.85 -19.37 -16.89
CA LEU A 454 11.16 -19.24 -15.47
C LEU A 454 10.92 -17.82 -14.99
N ALA A 455 11.43 -16.83 -15.72
CA ALA A 455 11.20 -15.44 -15.34
C ALA A 455 9.71 -15.16 -15.17
N SER A 456 8.88 -15.72 -16.04
CA SER A 456 7.44 -15.50 -15.94
C SER A 456 6.86 -16.18 -14.71
N ALA A 457 7.33 -17.40 -14.42
CA ALA A 457 6.65 -18.23 -13.41
C ALA A 457 7.12 -17.99 -11.98
N LEU A 458 8.32 -17.45 -11.77
CA LEU A 458 8.83 -17.29 -10.42
C LEU A 458 8.10 -16.16 -9.69
N GLU A 459 7.54 -16.48 -8.52
CA GLU A 459 6.86 -15.50 -7.65
C GLU A 459 7.93 -14.71 -6.90
N SER A 460 8.62 -13.85 -7.65
CA SER A 460 9.79 -13.16 -7.14
C SER A 460 9.79 -11.72 -7.65
N GLY A 461 10.10 -10.78 -6.76
CA GLY A 461 10.10 -9.38 -7.15
C GLY A 461 11.20 -9.02 -8.13
N THR A 462 12.36 -9.66 -8.00
CA THR A 462 13.45 -9.50 -8.95
C THR A 462 13.88 -10.88 -9.42
N VAL A 463 14.10 -11.01 -10.73
CA VAL A 463 14.55 -12.26 -11.34
C VAL A 463 15.77 -11.93 -12.18
N TRP A 464 16.96 -12.20 -11.63
CA TRP A 464 18.20 -12.07 -12.38
C TRP A 464 18.40 -13.29 -13.28
N ILE A 465 19.00 -13.05 -14.44
CA ILE A 465 19.31 -14.12 -15.39
C ILE A 465 20.75 -13.97 -15.83
N ASN A 466 21.58 -14.96 -15.49
CA ASN A 466 23.00 -14.97 -15.81
C ASN A 466 23.75 -13.84 -15.12
N CYS A 467 23.35 -13.53 -13.90
CA CYS A 467 24.03 -12.57 -13.06
C CYS A 467 23.42 -12.66 -11.67
N TYR A 468 23.91 -11.80 -10.77
CA TYR A 468 23.43 -11.75 -9.40
C TYR A 468 23.79 -10.39 -8.82
N ASN A 469 22.94 -9.89 -7.91
CA ASN A 469 23.15 -8.60 -7.26
C ASN A 469 23.24 -7.46 -8.26
N ALA A 470 22.51 -7.59 -9.38
CA ALA A 470 22.43 -6.54 -10.40
C ALA A 470 21.35 -5.54 -9.97
N LEU A 471 21.75 -4.62 -9.10
CA LEU A 471 20.86 -3.57 -8.63
C LEU A 471 21.08 -2.30 -9.44
N TYR A 472 19.99 -1.63 -9.77
CA TYR A 472 20.03 -0.42 -10.56
C TYR A 472 19.05 0.59 -10.00
N ALA A 473 19.50 1.83 -9.84
CA ALA A 473 18.58 2.87 -9.40
C ALA A 473 17.37 2.95 -10.30
N GLN A 474 17.50 2.59 -11.58
CA GLN A 474 16.41 2.70 -12.53
C GLN A 474 15.43 1.53 -12.49
N ALA A 475 15.76 0.44 -11.79
CA ALA A 475 14.91 -0.75 -11.79
C ALA A 475 14.32 -0.99 -10.40
N PRO A 476 13.03 -1.24 -10.30
CA PRO A 476 12.39 -1.36 -8.99
C PRO A 476 12.81 -2.63 -8.27
N PHE A 477 13.08 -2.49 -6.96
CA PHE A 477 13.45 -3.61 -6.10
C PHE A 477 12.41 -3.75 -5.01
N GLY A 478 11.98 -4.99 -4.77
CA GLY A 478 11.00 -5.24 -3.74
C GLY A 478 10.64 -6.71 -3.75
N GLY A 479 9.83 -7.09 -2.77
CA GLY A 479 9.49 -8.48 -2.52
C GLY A 479 8.05 -8.81 -2.86
N PHE A 480 7.86 -9.99 -3.44
CA PHE A 480 6.54 -10.61 -3.48
C PHE A 480 6.21 -11.18 -2.10
N LYS A 481 4.93 -11.48 -1.89
CA LYS A 481 4.46 -12.23 -0.73
C LYS A 481 5.07 -11.59 0.53
N MET A 482 5.64 -12.36 1.45
CA MET A 482 6.05 -11.80 2.74
C MET A 482 7.44 -11.19 2.72
N SER A 483 7.96 -10.85 1.55
CA SER A 483 9.26 -10.19 1.45
C SER A 483 9.16 -8.68 1.35
N GLY A 484 7.95 -8.12 1.26
CA GLY A 484 7.78 -6.68 1.24
C GLY A 484 6.40 -6.30 0.73
N ASN A 485 6.15 -4.99 0.71
CA ASN A 485 4.88 -4.44 0.25
C ASN A 485 5.04 -3.58 -0.99
N GLY A 486 5.78 -2.46 -0.90
CA GLY A 486 5.98 -1.58 -2.03
C GLY A 486 7.24 -1.88 -2.81
N ARG A 487 7.79 -0.86 -3.45
CA ARG A 487 9.04 -0.99 -4.18
C ARG A 487 9.91 0.22 -3.91
N GLU A 488 11.22 -0.02 -3.93
CA GLU A 488 12.24 1.02 -3.88
C GLU A 488 13.00 1.00 -5.20
N LEU A 489 13.70 2.10 -5.48
CA LEU A 489 14.40 2.27 -6.76
C LEU A 489 13.41 2.35 -7.93
N GLY A 490 13.89 2.79 -9.08
CA GLY A 490 13.05 2.92 -10.25
C GLY A 490 12.03 4.05 -10.08
N GLU A 491 11.26 4.25 -11.14
CA GLU A 491 10.13 5.16 -11.06
C GLU A 491 9.12 4.70 -10.02
N TYR A 492 9.05 3.39 -9.79
CA TYR A 492 8.02 2.83 -8.91
C TYR A 492 8.12 3.36 -7.50
N ALA A 493 9.35 3.61 -7.02
CA ALA A 493 9.50 4.16 -5.68
C ALA A 493 8.64 5.42 -5.50
N LEU A 494 8.48 6.21 -6.56
CA LEU A 494 7.71 7.44 -6.43
C LEU A 494 6.30 7.18 -5.90
N ALA A 495 5.66 6.08 -6.33
CA ALA A 495 4.30 5.81 -5.89
C ALA A 495 4.20 5.69 -4.37
N GLU A 496 5.25 5.25 -3.70
CA GLU A 496 5.15 5.11 -2.25
C GLU A 496 5.27 6.45 -1.53
N TYR A 497 5.66 7.52 -2.22
CA TYR A 497 5.88 8.80 -1.58
C TYR A 497 4.97 9.89 -2.15
N THR A 498 3.83 9.50 -2.72
CA THR A 498 2.88 10.47 -3.24
C THR A 498 1.46 9.99 -2.94
N GLU A 499 0.57 10.97 -2.75
CA GLU A 499 -0.86 10.77 -2.65
C GLU A 499 -1.51 11.37 -3.89
N VAL A 500 -2.41 10.62 -4.50
CA VAL A 500 -3.11 11.06 -5.71
C VAL A 500 -4.36 11.82 -5.31
N LYS A 501 -4.54 13.01 -5.88
CA LYS A 501 -5.72 13.83 -5.67
C LYS A 501 -6.42 14.06 -7.01
N THR A 502 -7.72 13.80 -7.04
CA THR A 502 -8.55 14.07 -8.21
C THR A 502 -9.20 15.44 -8.08
N VAL A 503 -9.20 16.21 -9.16
CA VAL A 503 -9.83 17.51 -9.23
C VAL A 503 -10.80 17.48 -10.39
N THR A 504 -12.09 17.64 -10.10
CA THR A 504 -13.16 17.56 -11.08
C THR A 504 -13.92 18.88 -11.06
N ILE A 505 -14.01 19.54 -12.21
CA ILE A 505 -14.61 20.86 -12.34
C ILE A 505 -15.73 20.81 -13.37
N LYS A 506 -16.94 21.19 -12.95
CA LYS A 506 -18.05 21.34 -13.88
C LYS A 506 -18.14 22.78 -14.36
N LEU A 507 -18.63 22.95 -15.58
CA LEU A 507 -18.69 24.26 -16.23
C LEU A 507 -20.10 24.63 -16.67
N ALA B 19 -39.71 6.09 -22.11
CA ALA B 19 -40.62 5.47 -21.15
C ALA B 19 -39.87 4.83 -19.98
N LEU B 20 -39.75 5.57 -18.87
CA LEU B 20 -39.03 5.04 -17.70
C LEU B 20 -39.81 3.88 -17.10
N PRO B 21 -39.17 2.74 -16.85
CA PRO B 21 -39.90 1.58 -16.32
C PRO B 21 -40.43 1.85 -14.91
N ARG B 22 -41.60 1.29 -14.62
CA ARG B 22 -42.17 1.34 -13.28
C ARG B 22 -41.59 0.22 -12.44
N PRO B 23 -41.80 0.27 -11.13
CA PRO B 23 -41.14 -0.70 -10.24
C PRO B 23 -41.71 -2.10 -10.38
N ILE B 24 -40.82 -3.10 -10.46
CA ILE B 24 -41.22 -4.50 -10.37
C ILE B 24 -41.79 -4.74 -8.97
N ARG B 25 -43.09 -4.95 -8.89
CA ARG B 25 -43.80 -4.87 -7.63
C ARG B 25 -43.41 -5.94 -6.61
N ASN B 26 -43.63 -7.22 -6.93
CA ASN B 26 -43.46 -8.31 -5.97
C ASN B 26 -42.81 -9.51 -6.67
N LEU B 27 -41.51 -9.39 -6.91
CA LEU B 27 -40.71 -10.43 -7.55
C LEU B 27 -39.93 -11.17 -6.47
N GLU B 28 -39.97 -12.50 -6.52
CA GLU B 28 -39.38 -13.29 -5.46
C GLU B 28 -37.86 -13.35 -5.63
N VAL B 29 -37.17 -13.60 -4.52
CA VAL B 29 -35.73 -13.78 -4.55
C VAL B 29 -35.42 -15.22 -4.93
N LYS B 30 -34.26 -15.42 -5.51
CA LYS B 30 -33.91 -16.74 -6.03
C LYS B 30 -32.54 -17.22 -5.59
N PHE B 31 -31.55 -16.32 -5.51
CA PHE B 31 -30.18 -16.68 -5.17
C PHE B 31 -29.89 -16.20 -3.75
N THR B 32 -29.73 -17.15 -2.83
CA THR B 32 -29.53 -16.82 -1.43
C THR B 32 -28.46 -17.68 -0.77
N LYS B 33 -27.71 -18.47 -1.53
CA LYS B 33 -26.74 -19.40 -1.00
C LYS B 33 -25.32 -18.92 -1.27
N ILE B 34 -24.35 -19.72 -0.85
CA ILE B 34 -22.93 -19.40 -0.96
C ILE B 34 -22.43 -19.81 -2.33
N PHE B 35 -21.75 -18.89 -3.03
CA PHE B 35 -21.29 -19.11 -4.39
C PHE B 35 -19.82 -19.56 -4.40
N ILE B 36 -19.57 -20.78 -4.88
CA ILE B 36 -18.21 -21.31 -4.93
C ILE B 36 -18.07 -22.23 -6.13
N ASN B 37 -17.05 -21.97 -6.96
CA ASN B 37 -16.82 -22.74 -8.18
C ASN B 37 -18.06 -22.77 -9.07
N ASN B 38 -18.76 -21.63 -9.15
CA ASN B 38 -19.96 -21.50 -9.95
C ASN B 38 -21.09 -22.39 -9.44
N GLU B 39 -21.04 -22.81 -8.18
CA GLU B 39 -22.07 -23.66 -7.61
C GLU B 39 -22.62 -23.03 -6.34
N TRP B 40 -23.88 -23.32 -6.05
CA TRP B 40 -24.56 -22.74 -4.90
C TRP B 40 -24.57 -23.77 -3.78
N HIS B 41 -24.14 -23.35 -2.59
CA HIS B 41 -23.94 -24.26 -1.48
C HIS B 41 -24.70 -23.75 -0.27
N GLU B 42 -25.14 -24.68 0.56
CA GLU B 42 -25.62 -24.31 1.87
C GLU B 42 -24.42 -24.18 2.80
N SER B 43 -24.54 -23.29 3.78
CA SER B 43 -23.45 -23.10 4.74
C SER B 43 -23.06 -24.44 5.35
N LYS B 44 -21.76 -24.62 5.57
CA LYS B 44 -21.29 -25.82 6.23
C LYS B 44 -22.05 -26.05 7.54
N SER B 45 -22.29 -24.98 8.29
CA SER B 45 -22.96 -25.11 9.58
C SER B 45 -24.46 -25.27 9.46
N GLY B 46 -25.05 -24.88 8.33
CA GLY B 46 -26.48 -24.85 8.18
C GLY B 46 -27.17 -23.59 8.70
N LYS B 47 -26.51 -22.80 9.56
CA LYS B 47 -27.10 -21.56 10.04
C LYS B 47 -27.47 -20.65 8.86
N LYS B 48 -28.43 -19.76 9.10
CA LYS B 48 -28.83 -18.75 8.14
C LYS B 48 -29.18 -17.47 8.87
N PHE B 49 -29.01 -16.33 8.20
CA PHE B 49 -29.42 -15.05 8.75
C PHE B 49 -30.49 -14.46 7.85
N ALA B 50 -31.09 -13.36 8.29
CA ALA B 50 -32.23 -12.79 7.60
C ALA B 50 -31.89 -11.40 7.07
N THR B 51 -32.28 -11.13 5.83
CA THR B 51 -32.22 -9.80 5.26
C THR B 51 -33.64 -9.25 5.15
N CYS B 52 -33.82 -7.99 5.56
CA CYS B 52 -35.12 -7.35 5.68
C CYS B 52 -35.18 -6.12 4.80
N ASN B 53 -36.40 -5.60 4.65
CA ASN B 53 -36.63 -4.39 3.84
C ASN B 53 -36.74 -3.19 4.77
N PRO B 54 -35.86 -2.20 4.67
CA PRO B 54 -35.91 -1.07 5.62
C PRO B 54 -37.18 -0.24 5.52
N SER B 55 -37.93 -0.32 4.42
CA SER B 55 -39.15 0.46 4.28
C SER B 55 -40.38 -0.33 4.70
N THR B 56 -40.62 -1.48 4.05
CA THR B 56 -41.72 -2.34 4.46
C THR B 56 -41.57 -2.86 5.89
N ARG B 57 -40.37 -2.79 6.46
CA ARG B 57 -40.10 -3.31 7.80
C ARG B 57 -40.35 -4.80 7.93
N GLU B 58 -40.64 -5.50 6.84
CA GLU B 58 -40.90 -6.92 6.86
C GLU B 58 -39.69 -7.66 6.31
N GLN B 59 -39.57 -8.92 6.67
CA GLN B 59 -38.39 -9.69 6.28
C GLN B 59 -38.42 -9.96 4.77
N ILE B 60 -37.30 -9.68 4.11
CA ILE B 60 -37.18 -10.02 2.69
C ILE B 60 -36.99 -11.51 2.53
N CYS B 61 -35.89 -12.05 3.07
CA CYS B 61 -35.55 -13.45 2.81
C CYS B 61 -34.50 -13.93 3.81
N GLU B 62 -34.13 -15.20 3.67
CA GLU B 62 -33.08 -15.82 4.46
C GLU B 62 -31.89 -16.16 3.57
N VAL B 63 -30.69 -15.91 4.08
CA VAL B 63 -29.46 -16.11 3.34
C VAL B 63 -28.53 -17.00 4.15
N GLU B 64 -27.80 -17.85 3.44
CA GLU B 64 -26.83 -18.73 4.10
C GLU B 64 -25.82 -17.91 4.91
N GLU B 65 -25.55 -18.37 6.14
CA GLU B 65 -24.61 -17.69 7.02
C GLU B 65 -23.32 -18.50 7.02
N GLY B 66 -22.36 -18.06 6.24
CA GLY B 66 -21.08 -18.74 6.19
C GLY B 66 -20.17 -18.36 7.34
N ASP B 67 -19.07 -19.12 7.46
CA ASP B 67 -18.09 -18.90 8.50
C ASP B 67 -16.75 -19.42 8.00
N LYS B 68 -15.74 -19.38 8.88
CA LYS B 68 -14.35 -19.68 8.52
C LYS B 68 -14.24 -20.88 7.58
N PRO B 69 -14.97 -21.98 7.83
CA PRO B 69 -14.90 -23.11 6.88
C PRO B 69 -15.34 -22.73 5.48
N ASP B 70 -16.41 -21.96 5.38
CA ASP B 70 -16.88 -21.55 4.07
C ASP B 70 -15.85 -20.69 3.34
N VAL B 71 -15.20 -19.77 4.07
CA VAL B 71 -14.18 -18.94 3.44
C VAL B 71 -12.98 -19.78 3.04
N ASP B 72 -12.62 -20.77 3.86
CA ASP B 72 -11.53 -21.66 3.48
C ASP B 72 -11.85 -22.37 2.17
N LYS B 73 -13.08 -22.88 2.04
CA LYS B 73 -13.47 -23.52 0.78
C LYS B 73 -13.40 -22.54 -0.39
N ALA B 74 -13.92 -21.33 -0.19
CA ALA B 74 -13.89 -20.35 -1.28
C ALA B 74 -12.46 -19.98 -1.66
N VAL B 75 -11.59 -19.80 -0.67
CA VAL B 75 -10.20 -19.46 -0.94
C VAL B 75 -9.52 -20.60 -1.67
N GLU B 76 -9.81 -21.84 -1.30
CA GLU B 76 -9.25 -22.96 -2.04
C GLU B 76 -9.71 -22.94 -3.49
N ALA B 77 -10.99 -22.66 -3.71
CA ALA B 77 -11.50 -22.55 -5.07
C ALA B 77 -10.75 -21.48 -5.85
N ALA B 78 -10.58 -20.31 -5.24
CA ALA B 78 -9.92 -19.20 -5.90
C ALA B 78 -8.44 -19.48 -6.14
N GLN B 79 -7.79 -20.19 -5.21
CA GLN B 79 -6.38 -20.54 -5.39
C GLN B 79 -6.20 -21.51 -6.53
N VAL B 80 -7.11 -22.48 -6.67
CA VAL B 80 -6.99 -23.42 -7.78
C VAL B 80 -7.31 -22.73 -9.10
N ALA B 81 -8.28 -21.81 -9.10
CA ALA B 81 -8.60 -21.09 -10.33
C ALA B 81 -7.48 -20.17 -10.77
N PHE B 82 -6.61 -19.75 -9.85
CA PHE B 82 -5.47 -18.89 -10.15
C PHE B 82 -4.19 -19.67 -10.40
N GLN B 83 -4.20 -20.97 -10.15
CA GLN B 83 -3.02 -21.79 -10.30
C GLN B 83 -2.52 -21.77 -11.75
N ARG B 84 -1.20 -21.80 -11.91
CA ARG B 84 -0.61 -21.70 -13.24
C ARG B 84 -1.15 -22.80 -14.14
N GLY B 85 -1.49 -22.42 -15.37
CA GLY B 85 -2.05 -23.35 -16.32
C GLY B 85 -3.56 -23.52 -16.24
N SER B 86 -4.22 -22.89 -15.29
CA SER B 86 -5.66 -22.99 -15.21
C SER B 86 -6.29 -22.27 -16.40
N PRO B 87 -7.54 -22.60 -16.72
CA PRO B 87 -8.22 -21.87 -17.81
C PRO B 87 -8.17 -20.37 -17.60
N TRP B 88 -8.34 -19.91 -16.36
CA TRP B 88 -8.32 -18.48 -16.09
C TRP B 88 -6.96 -17.88 -16.41
N ARG B 89 -5.88 -18.54 -16.00
CA ARG B 89 -4.54 -18.02 -16.29
C ARG B 89 -4.25 -18.03 -17.79
N ARG B 90 -4.59 -19.14 -18.47
CA ARG B 90 -4.25 -19.28 -19.88
C ARG B 90 -5.03 -18.29 -20.76
N LEU B 91 -6.06 -17.65 -20.23
CA LEU B 91 -6.87 -16.76 -21.04
C LEU B 91 -6.06 -15.58 -21.58
N ASP B 92 -6.51 -15.04 -22.70
CA ASP B 92 -5.92 -13.85 -23.29
C ASP B 92 -6.37 -12.60 -22.55
N ALA B 93 -5.53 -11.56 -22.60
CA ALA B 93 -5.93 -10.29 -22.03
C ALA B 93 -7.22 -9.79 -22.66
N LEU B 94 -7.25 -9.75 -24.00
CA LEU B 94 -8.46 -9.35 -24.71
C LEU B 94 -9.63 -10.25 -24.36
N SER B 95 -9.36 -11.53 -24.10
CA SER B 95 -10.44 -12.45 -23.75
C SER B 95 -11.00 -12.15 -22.36
N ARG B 96 -10.12 -11.82 -21.41
CA ARG B 96 -10.60 -11.35 -20.11
C ARG B 96 -11.46 -10.10 -20.25
N GLY B 97 -11.02 -9.17 -21.11
CA GLY B 97 -11.83 -7.99 -21.38
C GLY B 97 -13.20 -8.34 -21.93
N ARG B 98 -13.25 -9.26 -22.89
CA ARG B 98 -14.55 -9.68 -23.45
C ARG B 98 -15.41 -10.33 -22.39
N LEU B 99 -14.82 -11.14 -21.50
CA LEU B 99 -15.58 -11.73 -20.41
C LEU B 99 -16.21 -10.66 -19.54
N LEU B 100 -15.43 -9.64 -19.18
CA LEU B 100 -15.97 -8.54 -18.41
C LEU B 100 -17.09 -7.84 -19.16
N HIS B 101 -16.94 -7.69 -20.48
CA HIS B 101 -17.97 -7.05 -21.28
C HIS B 101 -19.24 -7.88 -21.30
N GLN B 102 -19.10 -9.21 -21.36
CA GLN B 102 -20.27 -10.09 -21.27
C GLN B 102 -20.98 -9.91 -19.94
N LEU B 103 -20.20 -9.84 -18.85
CA LEU B 103 -20.79 -9.60 -17.55
C LEU B 103 -21.55 -8.28 -17.54
N ALA B 104 -21.00 -7.25 -18.18
CA ALA B 104 -21.69 -5.97 -18.27
C ALA B 104 -22.99 -6.09 -19.04
N ASP B 105 -22.96 -6.79 -20.18
CA ASP B 105 -24.18 -7.02 -20.95
C ASP B 105 -25.24 -7.68 -20.08
N LEU B 106 -24.87 -8.74 -19.36
CA LEU B 106 -25.82 -9.43 -18.50
C LEU B 106 -26.36 -8.49 -17.43
N VAL B 107 -25.47 -7.71 -16.81
CA VAL B 107 -25.91 -6.75 -15.80
C VAL B 107 -26.99 -5.85 -16.40
N GLU B 108 -26.79 -5.43 -17.65
CA GLU B 108 -27.73 -4.52 -18.26
C GLU B 108 -29.05 -5.21 -18.59
N ARG B 109 -28.98 -6.44 -19.10
CA ARG B 109 -30.19 -7.23 -19.37
C ARG B 109 -31.07 -7.32 -18.14
N ASP B 110 -30.49 -7.74 -17.01
CA ASP B 110 -31.20 -7.89 -15.74
C ASP B 110 -31.13 -6.62 -14.91
N ARG B 111 -31.04 -5.46 -15.55
CA ARG B 111 -30.85 -4.21 -14.81
C ARG B 111 -32.02 -3.95 -13.86
N ALA B 112 -33.25 -4.18 -14.32
CA ALA B 112 -34.41 -3.88 -13.48
C ALA B 112 -34.49 -4.85 -12.30
N THR B 113 -34.25 -6.14 -12.54
CA THR B 113 -34.22 -7.07 -11.42
C THR B 113 -33.22 -6.61 -10.37
N LEU B 114 -32.02 -6.23 -10.80
CA LEU B 114 -30.98 -5.83 -9.86
C LEU B 114 -31.34 -4.54 -9.12
N ALA B 115 -31.87 -3.55 -9.84
CA ALA B 115 -32.30 -2.33 -9.18
C ALA B 115 -33.38 -2.62 -8.15
N ALA B 116 -34.31 -3.52 -8.48
CA ALA B 116 -35.34 -3.89 -7.53
C ALA B 116 -34.74 -4.56 -6.31
N LEU B 117 -33.79 -5.48 -6.51
CA LEU B 117 -33.14 -6.14 -5.38
C LEU B 117 -32.44 -5.13 -4.49
N GLU B 118 -31.68 -4.22 -5.08
CA GLU B 118 -30.96 -3.25 -4.29
C GLU B 118 -31.90 -2.34 -3.51
N THR B 119 -33.00 -1.92 -4.13
CA THR B 119 -33.92 -1.03 -3.43
C THR B 119 -34.70 -1.77 -2.34
N MET B 120 -35.16 -2.99 -2.63
CA MET B 120 -35.79 -3.80 -1.60
C MET B 120 -34.84 -4.00 -0.42
N ASP B 121 -33.58 -4.29 -0.70
CA ASP B 121 -32.65 -4.60 0.37
C ASP B 121 -32.29 -3.36 1.17
N THR B 122 -32.06 -2.23 0.50
CA THR B 122 -31.54 -1.03 1.14
C THR B 122 -32.57 0.07 1.35
N GLY B 123 -33.79 -0.07 0.82
CA GLY B 123 -34.73 1.03 0.89
C GLY B 123 -34.33 2.23 0.06
N LYS B 124 -33.40 2.05 -0.86
CA LYS B 124 -32.98 3.13 -1.74
C LYS B 124 -34.07 3.40 -2.78
N PRO B 125 -34.32 4.66 -3.14
CA PRO B 125 -35.29 4.94 -4.20
C PRO B 125 -34.99 4.13 -5.46
N PHE B 126 -35.98 3.38 -5.93
CA PHE B 126 -35.76 2.50 -7.08
C PHE B 126 -35.22 3.25 -8.28
N LEU B 127 -35.69 4.47 -8.51
CA LEU B 127 -35.15 5.26 -9.61
C LEU B 127 -33.67 5.57 -9.38
N HIS B 128 -33.30 5.91 -8.14
CA HIS B 128 -31.90 6.14 -7.83
C HIS B 128 -31.05 4.90 -8.12
N ALA B 129 -31.53 3.71 -7.73
CA ALA B 129 -30.77 2.50 -7.95
C ALA B 129 -30.67 2.17 -9.45
N PHE B 130 -31.73 2.46 -10.20
CA PHE B 130 -31.72 2.12 -11.63
C PHE B 130 -30.84 3.08 -12.42
N PHE B 131 -30.91 4.38 -12.11
CA PHE B 131 -30.24 5.41 -12.90
C PHE B 131 -28.94 5.90 -12.27
N ILE B 132 -28.49 5.31 -11.17
CA ILE B 132 -27.21 5.70 -10.59
C ILE B 132 -26.39 4.45 -10.31
N ASP B 133 -26.86 3.63 -9.36
CA ASP B 133 -26.12 2.45 -8.96
C ASP B 133 -25.81 1.55 -10.16
N LEU B 134 -26.85 1.12 -10.88
CA LEU B 134 -26.61 0.23 -12.00
C LEU B 134 -25.86 0.92 -13.12
N GLU B 135 -26.10 2.22 -13.30
CA GLU B 135 -25.35 2.97 -14.30
C GLU B 135 -23.85 2.94 -14.00
N GLY B 136 -23.48 3.28 -12.76
CA GLY B 136 -22.07 3.24 -12.38
C GLY B 136 -21.49 1.85 -12.47
N CYS B 137 -22.26 0.84 -12.09
CA CYS B 137 -21.79 -0.54 -12.22
C CYS B 137 -21.43 -0.88 -13.66
N ILE B 138 -22.36 -0.61 -14.58
CA ILE B 138 -22.10 -0.94 -15.98
C ILE B 138 -20.93 -0.14 -16.52
N ARG B 139 -20.87 1.16 -16.22
CA ARG B 139 -19.76 1.97 -16.72
C ARG B 139 -18.43 1.46 -16.17
N THR B 140 -18.38 1.11 -14.88
CA THR B 140 -17.15 0.58 -14.29
C THR B 140 -16.72 -0.70 -14.97
N LEU B 141 -17.68 -1.61 -15.18
CA LEU B 141 -17.36 -2.85 -15.89
C LEU B 141 -16.79 -2.57 -17.27
N ARG B 142 -17.42 -1.68 -18.03
CA ARG B 142 -16.94 -1.35 -19.37
C ARG B 142 -15.53 -0.77 -19.32
N TYR B 143 -15.30 0.17 -18.42
CA TYR B 143 -13.99 0.81 -18.30
C TYR B 143 -12.90 -0.22 -18.06
N PHE B 144 -13.04 -0.98 -16.98
CA PHE B 144 -11.95 -1.90 -16.64
C PHE B 144 -11.86 -3.04 -17.64
N ALA B 145 -12.97 -3.40 -18.30
CA ALA B 145 -12.86 -4.31 -19.42
C ALA B 145 -11.93 -3.75 -20.48
N GLY B 146 -12.06 -2.46 -20.77
CA GLY B 146 -11.16 -1.83 -21.71
C GLY B 146 -9.71 -1.83 -21.26
N TRP B 147 -9.46 -1.81 -19.94
CA TRP B 147 -8.07 -1.79 -19.46
C TRP B 147 -7.35 -3.13 -19.56
N ALA B 148 -8.06 -4.24 -19.81
CA ALA B 148 -7.48 -5.56 -19.58
C ALA B 148 -6.22 -5.78 -20.41
N ASP B 149 -6.29 -5.57 -21.72
CA ASP B 149 -5.17 -5.81 -22.61
C ASP B 149 -4.27 -4.59 -22.76
N LYS B 150 -4.36 -3.64 -21.84
CA LYS B 150 -3.55 -2.44 -21.91
C LYS B 150 -2.83 -2.20 -20.58
N ILE B 151 -2.58 -3.28 -19.84
CA ILE B 151 -1.84 -3.26 -18.58
C ILE B 151 -0.39 -3.58 -18.89
N GLN B 152 0.44 -2.54 -19.00
CA GLN B 152 1.78 -2.63 -19.55
C GLN B 152 2.83 -2.23 -18.51
N GLY B 153 3.92 -2.99 -18.44
CA GLY B 153 5.08 -2.65 -17.64
C GLY B 153 6.07 -1.85 -18.45
N LYS B 154 7.34 -1.89 -18.02
CA LYS B 154 8.35 -1.02 -18.59
C LYS B 154 9.57 -1.82 -19.06
N THR B 155 10.28 -1.26 -20.04
CA THR B 155 11.64 -1.69 -20.40
C THR B 155 12.59 -0.56 -20.04
N ILE B 156 13.64 -0.88 -19.28
CA ILE B 156 14.40 0.11 -18.51
C ILE B 156 15.82 0.16 -19.06
N PRO B 157 16.38 1.35 -19.30
CA PRO B 157 17.78 1.47 -19.75
C PRO B 157 18.75 1.37 -18.57
N THR B 158 19.82 0.57 -18.75
CA THR B 158 20.75 0.34 -17.64
C THR B 158 22.21 0.34 -18.06
N ASP B 159 22.59 -0.61 -18.90
CA ASP B 159 23.98 -0.82 -19.32
C ASP B 159 23.96 -1.42 -20.71
N ASP B 160 25.10 -1.35 -21.38
CA ASP B 160 25.14 -1.83 -22.76
C ASP B 160 24.85 -3.33 -22.84
N ASN B 161 25.32 -4.09 -21.85
CA ASN B 161 25.17 -5.55 -21.88
C ASN B 161 23.97 -6.05 -21.10
N VAL B 162 23.12 -5.17 -20.61
CA VAL B 162 22.02 -5.55 -19.73
C VAL B 162 20.70 -5.28 -20.42
N VAL B 163 19.74 -6.14 -20.15
CA VAL B 163 18.36 -5.98 -20.61
C VAL B 163 17.44 -6.05 -19.40
N CYS B 164 16.75 -4.95 -19.13
CA CYS B 164 15.98 -4.82 -17.90
C CYS B 164 14.55 -4.44 -18.22
N PHE B 165 13.61 -5.15 -17.64
CA PHE B 165 12.21 -4.79 -17.85
C PHE B 165 11.38 -5.21 -16.64
N THR B 166 10.13 -4.75 -16.62
CA THR B 166 9.21 -5.05 -15.54
C THR B 166 7.91 -5.64 -16.08
N ARG B 167 7.38 -6.64 -15.38
CA ARG B 167 6.05 -7.17 -15.63
C ARG B 167 5.11 -6.77 -14.49
N HIS B 168 3.86 -6.48 -14.84
CA HIS B 168 2.80 -6.24 -13.88
C HIS B 168 1.93 -7.49 -13.85
N GLU B 169 2.08 -8.28 -12.81
CA GLU B 169 1.42 -9.56 -12.74
C GLU B 169 0.23 -9.48 -11.79
N PRO B 170 -0.73 -10.40 -11.90
CA PRO B 170 -1.79 -10.45 -10.90
C PRO B 170 -1.22 -10.71 -9.51
N ILE B 171 -1.78 -10.03 -8.50
CA ILE B 171 -1.31 -10.19 -7.14
C ILE B 171 -1.67 -11.57 -6.56
N GLY B 172 -2.71 -12.20 -7.10
CA GLY B 172 -3.17 -13.50 -6.62
C GLY B 172 -4.63 -13.45 -6.20
N VAL B 173 -4.90 -14.06 -5.04
CA VAL B 173 -6.26 -14.11 -4.50
C VAL B 173 -6.57 -12.83 -3.77
N CYS B 174 -7.73 -12.24 -4.10
CA CYS B 174 -8.15 -10.96 -3.58
C CYS B 174 -9.47 -11.15 -2.82
N GLY B 175 -9.46 -10.79 -1.54
CA GLY B 175 -10.69 -10.74 -0.77
C GLY B 175 -11.25 -9.33 -0.83
N ALA B 176 -12.56 -9.24 -0.96
CA ALA B 176 -13.28 -7.96 -1.00
C ALA B 176 -14.33 -7.95 0.10
N ILE B 177 -14.40 -6.84 0.84
CA ILE B 177 -15.37 -6.67 1.92
C ILE B 177 -15.98 -5.29 1.70
N THR B 178 -17.30 -5.25 1.54
CA THR B 178 -18.01 -4.07 1.11
C THR B 178 -19.27 -3.83 1.93
N PRO B 179 -19.68 -2.57 2.17
CA PRO B 179 -20.79 -2.31 3.06
C PRO B 179 -22.21 -2.32 2.48
N TRP B 180 -23.09 -1.59 3.14
CA TRP B 180 -24.51 -1.57 2.77
C TRP B 180 -24.93 -0.33 2.01
N ASN B 181 -24.19 0.77 2.08
CA ASN B 181 -24.67 2.01 1.47
C ASN B 181 -24.78 1.87 -0.05
N PHE B 182 -23.76 1.30 -0.69
CA PHE B 182 -23.80 1.00 -2.12
C PHE B 182 -23.32 -0.42 -2.33
N PRO B 183 -24.16 -1.40 -1.98
CA PRO B 183 -23.69 -2.80 -1.98
C PRO B 183 -23.15 -3.27 -3.33
N LEU B 184 -23.91 -3.11 -4.41
CA LEU B 184 -23.46 -3.60 -5.70
C LEU B 184 -22.35 -2.74 -6.29
N LEU B 185 -22.49 -1.41 -6.18
CA LEU B 185 -21.48 -0.54 -6.78
C LEU B 185 -20.12 -0.73 -6.12
N MET B 186 -20.06 -0.61 -4.79
CA MET B 186 -18.81 -0.84 -4.07
C MET B 186 -18.23 -2.22 -4.37
N LEU B 187 -19.06 -3.19 -4.77
CA LEU B 187 -18.57 -4.51 -5.12
C LEU B 187 -17.92 -4.50 -6.50
N VAL B 188 -18.59 -3.88 -7.47
CA VAL B 188 -18.01 -3.75 -8.80
C VAL B 188 -16.70 -2.99 -8.75
N TRP B 189 -16.64 -1.90 -7.97
CA TRP B 189 -15.43 -1.09 -7.90
C TRP B 189 -14.21 -1.94 -7.60
N LYS B 190 -14.39 -3.07 -6.93
CA LYS B 190 -13.30 -3.99 -6.66
C LYS B 190 -13.22 -5.11 -7.68
N LEU B 191 -14.37 -5.70 -8.05
CA LEU B 191 -14.37 -6.84 -8.95
C LEU B 191 -13.83 -6.48 -10.33
N ALA B 192 -14.25 -5.34 -10.88
CA ALA B 192 -13.81 -4.97 -12.22
C ALA B 192 -12.29 -4.92 -12.33
N PRO B 193 -11.59 -4.04 -11.60
CA PRO B 193 -10.11 -3.99 -11.76
C PRO B 193 -9.42 -5.29 -11.35
N ALA B 194 -9.92 -5.96 -10.30
CA ALA B 194 -9.31 -7.23 -9.88
C ALA B 194 -9.40 -8.27 -10.98
N LEU B 195 -10.54 -8.32 -11.67
CA LEU B 195 -10.73 -9.32 -12.72
C LEU B 195 -10.01 -8.97 -14.01
N CYS B 196 -9.98 -7.68 -14.37
CA CYS B 196 -9.30 -7.33 -15.61
C CYS B 196 -7.78 -7.57 -15.51
N CYS B 197 -7.23 -7.61 -14.29
CA CYS B 197 -5.83 -7.93 -14.05
C CYS B 197 -5.57 -9.43 -13.90
N GLY B 198 -6.58 -10.27 -14.05
CA GLY B 198 -6.38 -11.70 -13.96
C GLY B 198 -6.22 -12.26 -12.57
N ASN B 199 -6.97 -11.75 -11.60
CA ASN B 199 -6.93 -12.30 -10.26
C ASN B 199 -8.12 -13.23 -10.06
N THR B 200 -8.18 -13.83 -8.88
CA THR B 200 -9.35 -14.54 -8.41
C THR B 200 -9.78 -13.92 -7.09
N MET B 201 -11.06 -14.06 -6.74
CA MET B 201 -11.63 -13.26 -5.67
C MET B 201 -12.47 -14.12 -4.72
N VAL B 202 -12.47 -13.71 -3.46
CA VAL B 202 -13.46 -14.12 -2.46
C VAL B 202 -14.10 -12.85 -1.93
N LEU B 203 -15.39 -12.68 -2.19
CA LEU B 203 -16.14 -11.50 -1.81
C LEU B 203 -17.04 -11.78 -0.62
N LYS B 204 -17.28 -10.74 0.18
CA LYS B 204 -18.22 -10.82 1.28
C LYS B 204 -19.07 -9.55 1.30
N PRO B 205 -20.32 -9.62 0.89
CA PRO B 205 -21.20 -8.45 1.05
C PRO B 205 -21.55 -8.24 2.51
N ALA B 206 -22.06 -7.03 2.80
CA ALA B 206 -22.52 -6.71 4.14
C ALA B 206 -23.68 -7.62 4.53
N GLU B 207 -23.83 -7.84 5.83
CA GLU B 207 -24.93 -8.66 6.32
C GLU B 207 -26.27 -8.07 5.87
N GLN B 208 -26.36 -6.74 5.83
CA GLN B 208 -27.63 -6.08 5.54
C GLN B 208 -28.08 -6.27 4.10
N THR B 209 -27.15 -6.42 3.15
CA THR B 209 -27.46 -6.31 1.72
C THR B 209 -26.63 -7.27 0.91
N PRO B 210 -26.89 -8.57 1.01
CA PRO B 210 -26.16 -9.56 0.20
C PRO B 210 -26.84 -10.01 -1.08
N LEU B 211 -28.04 -9.51 -1.39
CA LEU B 211 -28.83 -10.11 -2.46
C LEU B 211 -28.25 -9.79 -3.83
N THR B 212 -27.93 -8.51 -4.06
CA THR B 212 -27.35 -8.12 -5.34
C THR B 212 -26.07 -8.87 -5.62
N ALA B 213 -25.25 -9.11 -4.59
CA ALA B 213 -24.00 -9.83 -4.80
C ALA B 213 -24.25 -11.26 -5.28
N LEU B 214 -25.21 -11.96 -4.68
CA LEU B 214 -25.48 -13.33 -5.11
C LEU B 214 -26.10 -13.38 -6.49
N TYR B 215 -27.01 -12.44 -6.79
CA TYR B 215 -27.55 -12.37 -8.14
C TYR B 215 -26.43 -12.12 -9.14
N LEU B 216 -25.49 -11.24 -8.78
CA LEU B 216 -24.34 -11.00 -9.63
C LEU B 216 -23.50 -12.25 -9.79
N GLY B 217 -23.46 -13.10 -8.76
CA GLY B 217 -22.76 -14.38 -8.91
C GLY B 217 -23.44 -15.26 -9.94
N SER B 218 -24.76 -15.33 -9.91
CA SER B 218 -25.47 -16.04 -10.95
C SER B 218 -25.08 -15.51 -12.33
N LEU B 219 -25.05 -14.17 -12.47
CA LEU B 219 -24.67 -13.58 -13.75
C LEU B 219 -23.22 -13.91 -14.12
N ILE B 220 -22.33 -13.92 -13.13
CA ILE B 220 -20.93 -14.26 -13.35
C ILE B 220 -20.81 -15.65 -13.96
N LYS B 221 -21.51 -16.61 -13.37
CA LYS B 221 -21.55 -17.96 -13.93
C LYS B 221 -22.07 -17.93 -15.37
N GLU B 222 -23.18 -17.23 -15.59
CA GLU B 222 -23.79 -17.22 -16.92
C GLU B 222 -22.84 -16.67 -17.97
N ALA B 223 -22.06 -15.63 -17.63
CA ALA B 223 -21.23 -14.97 -18.63
C ALA B 223 -20.07 -15.85 -19.09
N GLY B 224 -19.71 -16.87 -18.32
CA GLY B 224 -18.68 -17.80 -18.72
C GLY B 224 -17.37 -17.74 -17.93
N PHE B 225 -17.34 -17.10 -16.78
CA PHE B 225 -16.13 -17.10 -15.97
C PHE B 225 -15.83 -18.52 -15.49
N PRO B 226 -14.58 -18.95 -15.57
CA PRO B 226 -14.24 -20.28 -15.08
C PRO B 226 -14.58 -20.40 -13.61
N PRO B 227 -14.98 -21.58 -13.16
CA PRO B 227 -15.34 -21.74 -11.74
C PRO B 227 -14.16 -21.42 -10.84
N GLY B 228 -14.46 -20.84 -9.69
CA GLY B 228 -13.43 -20.50 -8.73
C GLY B 228 -12.85 -19.11 -8.91
N VAL B 229 -13.16 -18.43 -10.02
CA VAL B 229 -12.57 -17.13 -10.26
C VAL B 229 -13.18 -16.08 -9.33
N VAL B 230 -14.48 -16.21 -9.05
CA VAL B 230 -15.18 -15.32 -8.12
C VAL B 230 -16.01 -16.20 -7.19
N ASN B 231 -15.75 -16.10 -5.89
CA ASN B 231 -16.53 -16.82 -4.91
C ASN B 231 -17.13 -15.81 -3.94
N ILE B 232 -18.33 -16.11 -3.45
CA ILE B 232 -19.08 -15.18 -2.61
C ILE B 232 -19.56 -15.92 -1.37
N VAL B 233 -19.19 -15.42 -0.20
CA VAL B 233 -19.62 -16.02 1.06
C VAL B 233 -20.30 -14.93 1.90
N PRO B 234 -21.62 -14.85 1.93
CA PRO B 234 -22.29 -13.87 2.80
C PRO B 234 -22.16 -14.28 4.27
N GLY B 235 -22.31 -13.31 5.14
CA GLY B 235 -22.17 -13.54 6.56
C GLY B 235 -21.77 -12.26 7.27
N PHE B 236 -21.48 -12.41 8.56
CA PHE B 236 -21.22 -11.24 9.39
C PHE B 236 -19.73 -10.89 9.38
N GLY B 237 -19.44 -9.65 9.78
CA GLY B 237 -18.10 -9.12 9.76
C GLY B 237 -17.11 -9.93 10.57
N PRO B 238 -17.39 -10.15 11.85
CA PRO B 238 -16.40 -10.84 12.71
C PRO B 238 -16.22 -12.31 12.37
N THR B 239 -17.15 -12.95 11.67
CA THR B 239 -16.91 -14.35 11.32
C THR B 239 -16.28 -14.48 9.95
N VAL B 240 -17.02 -14.14 8.90
CA VAL B 240 -16.49 -14.36 7.56
C VAL B 240 -15.48 -13.27 7.22
N GLY B 241 -15.80 -12.01 7.55
CA GLY B 241 -14.85 -10.93 7.29
C GLY B 241 -13.50 -11.16 7.94
N ALA B 242 -13.48 -11.50 9.23
CA ALA B 242 -12.20 -11.73 9.88
C ALA B 242 -11.46 -12.91 9.28
N ALA B 243 -12.19 -13.96 8.89
CA ALA B 243 -11.55 -15.11 8.27
C ALA B 243 -10.88 -14.70 6.97
N ILE B 244 -11.51 -13.77 6.24
CA ILE B 244 -10.95 -13.30 4.97
C ILE B 244 -9.73 -12.43 5.22
N SER B 245 -9.87 -11.45 6.11
CA SER B 245 -8.81 -10.45 6.27
C SER B 245 -7.51 -11.07 6.78
N SER B 246 -7.59 -12.15 7.56
CA SER B 246 -6.39 -12.74 8.13
C SER B 246 -6.04 -14.09 7.52
N HIS B 247 -6.67 -14.45 6.42
CA HIS B 247 -6.36 -15.72 5.78
C HIS B 247 -4.92 -15.69 5.28
N PRO B 248 -4.14 -16.74 5.50
CA PRO B 248 -2.74 -16.72 5.05
C PRO B 248 -2.59 -16.95 3.56
N GLN B 249 -3.64 -17.40 2.88
CA GLN B 249 -3.59 -17.69 1.46
C GLN B 249 -4.30 -16.63 0.65
N ILE B 250 -4.64 -15.50 1.26
CA ILE B 250 -5.17 -14.33 0.56
C ILE B 250 -4.01 -13.36 0.36
N ASN B 251 -3.79 -12.95 -0.90
CA ASN B 251 -2.68 -12.04 -1.20
C ASN B 251 -3.07 -10.58 -1.05
N LYS B 252 -4.29 -10.22 -1.41
CA LYS B 252 -4.72 -8.84 -1.31
C LYS B 252 -6.09 -8.78 -0.65
N ILE B 253 -6.34 -7.65 0.02
CA ILE B 253 -7.61 -7.38 0.66
C ILE B 253 -8.04 -5.97 0.26
N ALA B 254 -9.33 -5.81 -0.02
CA ALA B 254 -9.93 -4.54 -0.36
C ALA B 254 -11.17 -4.36 0.50
N PHE B 255 -11.16 -3.33 1.35
CA PHE B 255 -12.21 -3.08 2.33
C PHE B 255 -12.85 -1.72 2.09
N THR B 256 -14.18 -1.67 2.20
CA THR B 256 -14.94 -0.42 2.21
C THR B 256 -15.87 -0.45 3.40
N GLY B 257 -15.72 0.53 4.29
CA GLY B 257 -16.53 0.57 5.50
C GLY B 257 -16.06 1.66 6.44
N SER B 258 -16.27 1.43 7.73
CA SER B 258 -15.93 2.41 8.74
C SER B 258 -14.42 2.41 9.02
N THR B 259 -13.92 3.55 9.50
CA THR B 259 -12.50 3.69 9.74
C THR B 259 -11.99 2.70 10.78
N GLU B 260 -12.78 2.45 11.83
CA GLU B 260 -12.33 1.54 12.89
C GLU B 260 -12.18 0.12 12.36
N VAL B 261 -13.22 -0.39 11.70
CA VAL B 261 -13.13 -1.71 11.11
C VAL B 261 -12.01 -1.75 10.07
N GLY B 262 -11.76 -0.63 9.41
CA GLY B 262 -10.65 -0.56 8.48
C GLY B 262 -9.31 -0.74 9.16
N LYS B 263 -9.12 -0.07 10.30
CA LYS B 263 -7.89 -0.26 11.07
C LYS B 263 -7.77 -1.71 11.49
N LEU B 264 -8.86 -2.31 11.96
CA LEU B 264 -8.85 -3.70 12.35
C LEU B 264 -8.40 -4.59 11.19
N VAL B 265 -8.98 -4.36 10.01
CA VAL B 265 -8.69 -5.19 8.84
C VAL B 265 -7.22 -5.05 8.44
N LYS B 266 -6.72 -3.80 8.38
CA LYS B 266 -5.35 -3.61 7.96
C LYS B 266 -4.39 -4.25 8.95
N GLU B 267 -4.68 -4.16 10.24
CA GLU B 267 -3.74 -4.75 11.20
C GLU B 267 -3.85 -6.28 11.24
N ALA B 268 -5.01 -6.85 10.94
CA ALA B 268 -5.10 -8.30 10.78
C ALA B 268 -4.30 -8.75 9.55
N ALA B 269 -4.39 -8.00 8.46
CA ALA B 269 -3.56 -8.30 7.29
C ALA B 269 -2.08 -8.20 7.65
N SER B 270 -1.72 -7.20 8.46
CA SER B 270 -0.33 -7.08 8.89
C SER B 270 0.09 -8.29 9.72
N ARG B 271 -0.81 -8.79 10.56
CA ARG B 271 -0.44 -9.87 11.46
C ARG B 271 -0.40 -11.23 10.75
N SER B 272 -1.18 -11.41 9.68
CA SER B 272 -1.33 -12.72 9.09
C SER B 272 -0.23 -13.06 8.08
N ASN B 273 -0.19 -12.35 6.96
CA ASN B 273 0.71 -12.71 5.87
C ASN B 273 1.15 -11.49 5.08
N LEU B 274 0.98 -10.28 5.62
CA LEU B 274 1.40 -9.05 4.98
C LEU B 274 0.69 -8.82 3.65
N LYS B 275 -0.56 -9.25 3.55
CA LYS B 275 -1.31 -9.04 2.33
C LYS B 275 -1.51 -7.54 2.10
N ARG B 276 -1.47 -7.13 0.85
CA ARG B 276 -1.67 -5.74 0.50
C ARG B 276 -3.11 -5.34 0.80
N VAL B 277 -3.32 -4.04 1.04
CA VAL B 277 -4.61 -3.57 1.53
C VAL B 277 -5.03 -2.31 0.79
N THR B 278 -6.27 -2.29 0.30
CA THR B 278 -6.94 -1.07 -0.13
C THR B 278 -8.08 -0.77 0.83
N LEU B 279 -8.19 0.50 1.24
CA LEU B 279 -9.19 0.91 2.23
C LEU B 279 -9.95 2.14 1.73
N GLU B 280 -11.25 1.99 1.51
CA GLU B 280 -12.16 3.11 1.27
C GLU B 280 -13.00 3.28 2.54
N LEU B 281 -12.72 4.34 3.30
CA LEU B 281 -13.32 4.53 4.61
C LEU B 281 -14.25 5.76 4.60
N GLY B 282 -14.47 6.35 5.76
CA GLY B 282 -15.35 7.50 5.88
C GLY B 282 -14.62 8.82 5.72
N GLY B 283 -15.31 9.89 6.12
CA GLY B 283 -14.74 11.22 6.04
C GLY B 283 -15.71 12.30 6.48
N LYS B 284 -15.18 13.34 7.12
CA LYS B 284 -15.96 14.54 7.43
C LYS B 284 -15.90 15.45 6.22
N ASN B 285 -16.66 15.08 5.19
CA ASN B 285 -16.56 15.72 3.88
C ASN B 285 -17.01 17.16 3.93
N PRO B 286 -16.12 18.12 3.75
CA PRO B 286 -16.52 19.52 3.84
C PRO B 286 -17.11 20.04 2.54
N CYS B 287 -17.87 21.12 2.69
CA CYS B 287 -18.47 21.84 1.56
C CYS B 287 -18.17 23.31 1.75
N ILE B 288 -17.50 23.92 0.79
CA ILE B 288 -16.99 25.27 0.93
C ILE B 288 -17.67 26.14 -0.10
N VAL B 289 -18.45 27.11 0.36
CA VAL B 289 -19.17 28.03 -0.51
C VAL B 289 -18.53 29.40 -0.37
N CYS B 290 -18.09 29.96 -1.49
CA CYS B 290 -17.53 31.30 -1.51
C CYS B 290 -18.61 32.32 -1.86
N ALA B 291 -18.31 33.58 -1.54
CA ALA B 291 -19.28 34.65 -1.76
C ALA B 291 -19.65 34.76 -3.24
N ASP B 292 -18.67 34.60 -4.14
CA ASP B 292 -18.90 34.71 -5.57
C ASP B 292 -19.44 33.43 -6.19
N ALA B 293 -19.92 32.48 -5.39
CA ALA B 293 -20.48 31.26 -5.94
C ALA B 293 -21.78 31.58 -6.68
N ASP B 294 -22.26 30.60 -7.44
CA ASP B 294 -23.62 30.62 -7.97
C ASP B 294 -24.50 30.07 -6.85
N LEU B 295 -24.92 30.98 -5.97
CA LEU B 295 -25.56 30.57 -4.71
C LEU B 295 -26.64 29.52 -4.96
N ASP B 296 -27.38 29.67 -6.06
CA ASP B 296 -28.41 28.69 -6.39
C ASP B 296 -27.80 27.31 -6.57
N LEU B 297 -26.79 27.20 -7.45
CA LEU B 297 -26.10 25.94 -7.67
C LEU B 297 -25.43 25.44 -6.40
N ALA B 298 -24.82 26.36 -5.65
CA ALA B 298 -24.17 25.97 -4.41
C ALA B 298 -25.18 25.31 -3.47
N VAL B 299 -26.33 25.96 -3.29
CA VAL B 299 -27.35 25.44 -2.38
C VAL B 299 -27.86 24.10 -2.89
N GLU B 300 -28.12 24.00 -4.20
CA GLU B 300 -28.67 22.77 -4.75
C GLU B 300 -27.69 21.60 -4.59
N CYS B 301 -26.42 21.82 -4.94
CA CYS B 301 -25.44 20.74 -4.87
C CYS B 301 -25.11 20.38 -3.43
N ALA B 302 -25.05 21.36 -2.52
CA ALA B 302 -24.82 21.02 -1.12
C ALA B 302 -26.00 20.25 -0.54
N HIS B 303 -27.22 20.69 -0.84
CA HIS B 303 -28.41 19.96 -0.43
C HIS B 303 -28.35 18.52 -0.91
N GLN B 304 -28.04 18.32 -2.19
CA GLN B 304 -27.93 16.96 -2.71
C GLN B 304 -26.83 16.19 -1.99
N GLY B 305 -25.62 16.74 -1.95
CA GLY B 305 -24.50 16.05 -1.34
C GLY B 305 -24.67 15.75 0.13
N VAL B 306 -25.63 16.39 0.79
CA VAL B 306 -25.85 16.10 2.21
C VAL B 306 -27.07 15.20 2.42
N PHE B 307 -28.04 15.22 1.49
CA PHE B 307 -29.30 14.51 1.69
C PHE B 307 -29.53 13.37 0.71
N PHE B 308 -28.61 13.10 -0.19
CA PHE B 308 -28.80 12.06 -1.19
C PHE B 308 -28.55 10.68 -0.60
N ASN B 309 -29.30 9.70 -1.09
CA ASN B 309 -29.24 8.34 -0.57
C ASN B 309 -29.49 8.35 0.95
N GLN B 310 -30.38 9.24 1.37
CA GLN B 310 -30.73 9.42 2.78
C GLN B 310 -29.56 9.93 3.61
N GLY B 311 -28.57 10.55 2.97
CA GLY B 311 -27.39 11.05 3.66
C GLY B 311 -26.40 9.98 4.07
N GLN B 312 -26.56 8.75 3.60
CA GLN B 312 -25.76 7.61 4.02
C GLN B 312 -24.89 7.15 2.86
N CYS B 313 -23.91 7.98 2.52
CA CYS B 313 -22.90 7.65 1.53
C CYS B 313 -21.54 8.13 2.02
N CYS B 314 -20.48 7.51 1.49
CA CYS B 314 -19.13 7.87 1.90
C CYS B 314 -18.82 9.34 1.65
N THR B 315 -19.43 9.94 0.61
CA THR B 315 -19.15 11.32 0.21
C THR B 315 -20.17 12.32 0.72
N ALA B 316 -20.83 12.03 1.84
CA ALA B 316 -21.82 12.95 2.39
C ALA B 316 -21.12 14.19 2.92
N ALA B 317 -21.67 15.36 2.59
CA ALA B 317 -21.17 16.63 3.10
C ALA B 317 -21.66 16.82 4.52
N SER B 318 -20.73 16.76 5.48
CA SER B 318 -21.07 16.90 6.89
C SER B 318 -20.84 18.30 7.42
N ARG B 319 -19.94 19.07 6.81
CA ARG B 319 -19.69 20.45 7.18
C ARG B 319 -19.83 21.32 5.94
N VAL B 320 -20.35 22.52 6.12
CA VAL B 320 -20.63 23.43 5.01
C VAL B 320 -20.11 24.79 5.43
N PHE B 321 -18.92 25.16 4.95
CA PHE B 321 -18.35 26.47 5.23
C PHE B 321 -18.89 27.48 4.23
N VAL B 322 -19.53 28.53 4.72
CA VAL B 322 -20.04 29.61 3.89
C VAL B 322 -19.32 30.89 4.26
N GLU B 323 -19.02 31.70 3.26
CA GLU B 323 -18.38 32.99 3.51
C GLU B 323 -19.44 33.99 3.97
N GLU B 324 -19.06 34.82 4.94
CA GLU B 324 -20.00 35.70 5.62
C GLU B 324 -20.86 36.49 4.63
N GLN B 325 -20.27 36.95 3.52
CA GLN B 325 -20.99 37.80 2.60
C GLN B 325 -22.31 37.18 2.13
N VAL B 326 -22.38 35.85 2.10
CA VAL B 326 -23.58 35.14 1.64
C VAL B 326 -24.11 34.18 2.68
N TYR B 327 -23.51 34.12 3.87
CA TYR B 327 -23.91 33.17 4.88
C TYR B 327 -25.41 33.12 5.11
N SER B 328 -26.02 34.26 5.42
CA SER B 328 -27.42 34.24 5.85
C SER B 328 -28.32 33.83 4.70
N GLU B 329 -28.10 34.44 3.53
CA GLU B 329 -28.92 34.11 2.38
C GLU B 329 -28.79 32.62 2.04
N PHE B 330 -27.56 32.11 2.05
CA PHE B 330 -27.36 30.68 1.85
C PHE B 330 -28.21 29.88 2.83
N VAL B 331 -28.11 30.19 4.12
CA VAL B 331 -28.88 29.45 5.13
C VAL B 331 -30.36 29.44 4.74
N ARG B 332 -30.89 30.62 4.41
CA ARG B 332 -32.30 30.72 4.05
C ARG B 332 -32.64 29.78 2.91
N ARG B 333 -31.96 29.95 1.77
CA ARG B 333 -32.28 29.15 0.60
C ARG B 333 -32.13 27.66 0.88
N SER B 334 -31.11 27.29 1.66
CA SER B 334 -30.89 25.89 2.01
C SER B 334 -32.06 25.34 2.80
N VAL B 335 -32.47 26.03 3.87
CA VAL B 335 -33.63 25.60 4.64
C VAL B 335 -34.84 25.41 3.74
N GLU B 336 -35.12 26.43 2.93
CA GLU B 336 -36.28 26.38 2.04
C GLU B 336 -36.19 25.16 1.12
N TYR B 337 -35.01 24.93 0.52
CA TYR B 337 -34.81 23.78 -0.37
C TYR B 337 -34.97 22.46 0.39
N ALA B 338 -34.59 22.44 1.67
CA ALA B 338 -34.65 21.21 2.45
C ALA B 338 -36.08 20.83 2.82
N LYS B 339 -36.95 21.83 3.04
CA LYS B 339 -38.34 21.52 3.36
C LYS B 339 -39.01 20.80 2.20
N LYS B 340 -38.88 21.34 0.99
CA LYS B 340 -39.49 20.73 -0.20
C LYS B 340 -38.57 19.64 -0.75
N ARG B 341 -38.51 18.52 -0.04
CA ARG B 341 -37.80 17.34 -0.52
C ARG B 341 -38.65 16.10 -0.28
N PRO B 342 -39.08 15.41 -1.34
CA PRO B 342 -39.95 14.25 -1.15
C PRO B 342 -39.25 13.16 -0.34
N VAL B 343 -40.00 12.55 0.58
CA VAL B 343 -39.51 11.48 1.43
C VAL B 343 -40.66 10.50 1.62
N GLY B 344 -40.55 9.31 1.02
CA GLY B 344 -41.60 8.33 1.14
C GLY B 344 -41.21 6.96 0.61
N ASP B 345 -42.15 6.28 -0.02
CA ASP B 345 -41.90 4.94 -0.53
C ASP B 345 -40.72 4.97 -1.51
N PRO B 346 -39.73 4.08 -1.34
CA PRO B 346 -38.61 4.05 -2.31
C PRO B 346 -39.04 3.72 -3.73
N PHE B 347 -40.01 2.82 -3.90
CA PHE B 347 -40.51 2.49 -5.24
C PHE B 347 -41.40 3.58 -5.82
N ASP B 348 -41.72 4.62 -5.06
CA ASP B 348 -42.52 5.72 -5.59
C ASP B 348 -41.67 6.59 -6.51
N VAL B 349 -42.19 6.86 -7.72
CA VAL B 349 -41.38 7.54 -8.73
C VAL B 349 -41.10 8.99 -8.37
N LYS B 350 -41.86 9.60 -7.46
CA LYS B 350 -41.69 11.01 -7.13
C LYS B 350 -41.05 11.21 -5.76
N THR B 351 -40.28 10.23 -5.30
CA THR B 351 -39.62 10.29 -4.00
C THR B 351 -38.11 10.45 -4.21
N GLU B 352 -37.48 11.26 -3.35
CA GLU B 352 -36.05 11.49 -3.39
C GLU B 352 -35.31 10.92 -2.19
N GLN B 353 -36.02 10.57 -1.12
CA GLN B 353 -35.40 10.04 0.09
C GLN B 353 -36.26 8.91 0.60
N GLY B 354 -35.65 7.73 0.77
CA GLY B 354 -36.35 6.61 1.34
C GLY B 354 -36.09 6.52 2.83
N PRO B 355 -36.24 5.33 3.39
CA PRO B 355 -35.99 5.12 4.82
C PRO B 355 -34.49 5.03 5.11
N GLN B 356 -34.16 4.92 6.39
CA GLN B 356 -32.79 4.76 6.84
C GLN B 356 -32.34 3.32 6.63
N ILE B 357 -31.17 2.98 7.17
CA ILE B 357 -30.51 1.71 6.87
C ILE B 357 -31.00 0.56 7.74
N ASP B 358 -30.93 0.72 9.05
CA ASP B 358 -31.46 -0.22 10.03
C ASP B 358 -31.90 0.58 11.25
N GLN B 359 -32.01 -0.09 12.39
CA GLN B 359 -32.56 0.55 13.56
C GLN B 359 -31.48 1.36 14.30
N LYS B 360 -30.26 0.83 14.37
CA LYS B 360 -29.20 1.52 15.09
C LYS B 360 -28.83 2.85 14.43
N GLN B 361 -28.75 2.87 13.10
CA GLN B 361 -28.39 4.11 12.42
C GLN B 361 -29.46 5.18 12.57
N PHE B 362 -30.73 4.81 12.41
CA PHE B 362 -31.81 5.77 12.64
C PHE B 362 -31.74 6.31 14.08
N ASP B 363 -31.58 5.41 15.04
CA ASP B 363 -31.48 5.82 16.44
C ASP B 363 -30.38 6.84 16.62
N LYS B 364 -29.16 6.53 16.16
CA LYS B 364 -28.03 7.43 16.42
C LYS B 364 -28.10 8.71 15.60
N ILE B 365 -28.75 8.68 14.43
CA ILE B 365 -28.95 9.91 13.67
C ILE B 365 -29.85 10.86 14.45
N LEU B 366 -30.96 10.34 14.98
CA LEU B 366 -31.82 11.18 15.81
C LEU B 366 -31.10 11.63 17.07
N GLU B 367 -30.29 10.75 17.66
CA GLU B 367 -29.52 11.11 18.85
C GLU B 367 -28.58 12.28 18.57
N LEU B 368 -27.89 12.27 17.43
CA LEU B 368 -27.00 13.40 17.17
C LEU B 368 -27.76 14.63 16.67
N ILE B 369 -28.97 14.47 16.12
CA ILE B 369 -29.81 15.65 15.90
C ILE B 369 -30.09 16.33 17.22
N GLU B 370 -30.46 15.55 18.23
CA GLU B 370 -30.70 16.11 19.56
C GLU B 370 -29.43 16.71 20.14
N SER B 371 -28.29 16.05 19.94
CA SER B 371 -27.00 16.61 20.35
C SER B 371 -26.77 17.98 19.73
N GLY B 372 -27.03 18.12 18.43
CA GLY B 372 -26.81 19.39 17.76
C GLY B 372 -27.73 20.48 18.28
N LYS B 373 -29.02 20.18 18.43
CA LYS B 373 -29.93 21.21 18.94
C LYS B 373 -29.61 21.57 20.38
N LYS B 374 -29.04 20.63 21.16
CA LYS B 374 -28.71 20.85 22.55
C LYS B 374 -27.30 21.39 22.78
N GLU B 375 -26.51 21.57 21.71
CA GLU B 375 -25.17 22.13 21.85
C GLU B 375 -25.09 23.57 21.41
N GLY B 376 -26.17 24.14 20.89
CA GLY B 376 -26.23 25.55 20.57
C GLY B 376 -26.36 25.92 19.09
N ALA B 377 -26.82 25.01 18.25
CA ALA B 377 -26.97 25.28 16.83
C ALA B 377 -28.43 25.61 16.52
N LYS B 378 -28.64 26.72 15.82
CA LYS B 378 -30.00 27.06 15.39
C LYS B 378 -30.51 26.03 14.41
N LEU B 379 -31.73 25.56 14.61
CA LEU B 379 -32.35 24.60 13.73
C LEU B 379 -33.44 25.28 12.90
N GLU B 380 -33.62 24.78 11.67
CA GLU B 380 -34.64 25.32 10.77
C GLU B 380 -35.43 24.26 10.02
N CYS B 381 -35.03 22.99 10.04
CA CYS B 381 -35.74 21.94 9.34
C CYS B 381 -35.76 20.69 10.21
N GLY B 382 -36.86 19.94 10.14
CA GLY B 382 -36.92 18.65 10.79
C GLY B 382 -36.46 18.69 12.23
N GLY B 383 -35.76 17.64 12.64
CA GLY B 383 -35.35 17.46 14.01
C GLY B 383 -36.11 16.37 14.74
N SER B 384 -36.89 15.57 14.03
CA SER B 384 -37.67 14.47 14.59
C SER B 384 -37.92 13.46 13.48
N ALA B 385 -38.70 12.43 13.76
CA ALA B 385 -39.06 11.45 12.75
C ALA B 385 -40.38 11.82 12.10
N MET B 386 -40.43 11.71 10.76
CA MET B 386 -41.62 12.06 10.01
C MET B 386 -42.82 11.25 10.49
N GLU B 387 -42.73 9.93 10.39
CA GLU B 387 -43.76 9.00 10.83
C GLU B 387 -43.10 7.65 11.03
N ASP B 388 -43.90 6.67 11.42
CA ASP B 388 -43.42 5.33 11.74
C ASP B 388 -43.91 4.29 10.75
N LYS B 389 -44.08 4.68 9.48
CA LYS B 389 -44.42 3.71 8.45
C LYS B 389 -43.18 2.95 7.98
N GLY B 390 -42.03 3.62 8.01
CA GLY B 390 -40.73 3.02 7.76
C GLY B 390 -39.73 3.64 8.72
N LEU B 391 -38.48 3.79 8.27
CA LEU B 391 -37.45 4.43 9.07
C LEU B 391 -37.07 5.75 8.39
N PHE B 392 -38.00 6.70 8.42
CA PHE B 392 -37.84 7.97 7.74
C PHE B 392 -37.55 9.08 8.73
N ILE B 393 -36.71 10.03 8.31
CA ILE B 393 -36.40 11.23 9.08
C ILE B 393 -36.64 12.43 8.18
N LYS B 394 -37.12 13.52 8.78
CA LYS B 394 -37.33 14.69 7.94
C LYS B 394 -36.00 15.39 7.68
N PRO B 395 -35.78 15.86 6.43
CA PRO B 395 -34.53 16.57 6.12
C PRO B 395 -34.27 17.71 7.10
N THR B 396 -33.14 17.63 7.81
CA THR B 396 -32.78 18.60 8.84
C THR B 396 -31.68 19.52 8.33
N VAL B 397 -31.74 20.79 8.77
CA VAL B 397 -30.76 21.80 8.39
C VAL B 397 -30.43 22.61 9.63
N PHE B 398 -29.18 22.58 10.05
CA PHE B 398 -28.71 23.33 11.20
C PHE B 398 -27.99 24.59 10.75
N SER B 399 -27.88 25.55 11.66
CA SER B 399 -27.27 26.83 11.37
C SER B 399 -26.38 27.27 12.53
N GLU B 400 -25.54 28.25 12.24
CA GLU B 400 -24.67 28.86 13.25
C GLU B 400 -23.91 27.81 14.04
N VAL B 401 -23.33 26.84 13.32
CA VAL B 401 -22.55 25.76 13.92
C VAL B 401 -21.08 26.11 13.84
N THR B 402 -20.31 25.61 14.81
CA THR B 402 -18.88 25.86 14.92
C THR B 402 -18.11 24.55 14.84
N ASP B 403 -16.78 24.66 14.76
CA ASP B 403 -15.93 23.49 14.61
C ASP B 403 -16.09 22.52 15.77
N ASN B 404 -16.12 23.04 16.99
CA ASN B 404 -16.12 22.24 18.22
C ASN B 404 -17.44 21.52 18.49
N MET B 405 -18.48 21.73 17.68
CA MET B 405 -19.77 21.08 17.93
C MET B 405 -19.77 19.68 17.35
N ARG B 406 -20.56 18.79 17.97
CA ARG B 406 -20.56 17.38 17.57
C ARG B 406 -21.09 17.17 16.16
N ILE B 407 -22.05 17.99 15.71
CA ILE B 407 -22.55 17.86 14.35
C ILE B 407 -21.51 18.27 13.31
N ALA B 408 -20.43 18.92 13.73
CA ALA B 408 -19.38 19.38 12.83
C ALA B 408 -18.09 18.58 12.96
N LYS B 409 -18.03 17.60 13.86
CA LYS B 409 -16.82 16.81 14.06
C LYS B 409 -17.04 15.30 13.95
N GLU B 410 -18.28 14.84 13.84
CA GLU B 410 -18.59 13.42 13.71
C GLU B 410 -19.33 13.20 12.40
N GLU B 411 -18.89 12.22 11.63
CA GLU B 411 -19.54 11.93 10.34
C GLU B 411 -21.03 11.66 10.57
N ILE B 412 -21.88 12.50 9.97
CA ILE B 412 -23.32 12.48 10.24
C ILE B 412 -23.97 11.19 9.74
N PHE B 413 -23.74 10.87 8.44
CA PHE B 413 -24.32 9.71 7.74
C PHE B 413 -25.85 9.75 7.75
N GLY B 414 -26.43 10.93 7.58
CA GLY B 414 -27.87 11.09 7.58
C GLY B 414 -28.32 12.46 7.09
N PRO B 415 -29.64 12.71 7.04
CA PRO B 415 -30.11 14.03 6.57
C PRO B 415 -29.87 15.13 7.60
N VAL B 416 -28.74 15.85 7.47
CA VAL B 416 -28.42 16.96 8.37
C VAL B 416 -27.33 17.83 7.75
N GLN B 417 -27.56 19.15 7.71
CA GLN B 417 -26.73 20.09 6.98
C GLN B 417 -26.18 21.15 7.94
N PRO B 418 -25.11 20.83 8.68
CA PRO B 418 -24.50 21.83 9.57
C PRO B 418 -23.72 22.85 8.77
N ILE B 419 -23.99 24.13 9.04
CA ILE B 419 -23.49 25.25 8.24
C ILE B 419 -22.66 26.17 9.15
N LEU B 420 -21.39 26.35 8.80
CA LEU B 420 -20.44 27.20 9.50
C LEU B 420 -20.10 28.43 8.66
N LYS B 421 -19.42 29.38 9.30
CA LYS B 421 -19.10 30.68 8.70
C LYS B 421 -17.60 30.89 8.69
N PHE B 422 -17.09 31.41 7.57
CA PHE B 422 -15.67 31.71 7.45
C PHE B 422 -15.49 33.04 6.72
N LYS B 423 -14.29 33.60 6.85
CA LYS B 423 -13.93 34.91 6.31
C LYS B 423 -12.84 34.86 5.26
N SER B 424 -11.78 34.10 5.52
CA SER B 424 -10.60 34.09 4.66
C SER B 424 -10.49 32.77 3.91
N ILE B 425 -9.71 32.79 2.83
CA ILE B 425 -9.37 31.56 2.12
C ILE B 425 -8.44 30.70 2.96
N GLU B 426 -7.38 31.31 3.48
CA GLU B 426 -6.46 30.60 4.37
C GLU B 426 -7.20 30.05 5.57
N GLU B 427 -8.12 30.83 6.12
CA GLU B 427 -8.89 30.38 7.28
C GLU B 427 -9.63 29.08 6.97
N VAL B 428 -10.43 29.10 5.92
CA VAL B 428 -11.23 27.93 5.58
C VAL B 428 -10.33 26.75 5.23
N ILE B 429 -9.17 27.00 4.62
CA ILE B 429 -8.25 25.91 4.33
C ILE B 429 -7.78 25.25 5.63
N LYS B 430 -7.26 26.05 6.56
CA LYS B 430 -6.79 25.49 7.84
C LYS B 430 -7.91 24.78 8.58
N ARG B 431 -9.11 25.35 8.60
CA ARG B 431 -10.22 24.72 9.31
C ARG B 431 -10.62 23.40 8.65
N ALA B 432 -10.82 23.40 7.33
CA ALA B 432 -11.20 22.17 6.63
C ALA B 432 -10.15 21.09 6.82
N ASN B 433 -8.86 21.45 6.76
CA ASN B 433 -7.80 20.47 6.90
C ASN B 433 -7.55 20.03 8.34
N SER B 434 -8.07 20.75 9.34
CA SER B 434 -7.85 20.34 10.72
C SER B 434 -8.26 18.91 11.02
N THR B 435 -9.13 18.31 10.21
CA THR B 435 -9.63 16.95 10.42
C THR B 435 -8.52 15.91 10.25
N ASP B 436 -8.85 14.68 10.66
CA ASP B 436 -8.04 13.48 10.43
C ASP B 436 -8.47 12.72 9.19
N TYR B 437 -9.58 13.11 8.57
CA TYR B 437 -10.08 12.47 7.37
C TYR B 437 -9.74 13.34 6.17
N GLY B 438 -10.04 12.83 4.98
CA GLY B 438 -9.70 13.52 3.77
C GLY B 438 -10.24 12.83 2.54
N LEU B 439 -11.51 12.44 2.59
CA LEU B 439 -12.11 11.71 1.47
C LEU B 439 -12.40 12.65 0.30
N THR B 440 -13.33 13.58 0.48
CA THR B 440 -13.75 14.47 -0.57
C THR B 440 -13.95 15.88 -0.02
N ALA B 441 -13.98 16.84 -0.93
CA ALA B 441 -14.30 18.22 -0.62
C ALA B 441 -14.94 18.84 -1.84
N ALA B 442 -15.80 19.84 -1.62
CA ALA B 442 -16.48 20.53 -2.70
C ALA B 442 -16.29 22.02 -2.52
N VAL B 443 -15.94 22.71 -3.61
CA VAL B 443 -15.75 24.15 -3.60
C VAL B 443 -16.64 24.76 -4.66
N PHE B 444 -17.38 25.80 -4.30
CA PHE B 444 -18.27 26.50 -5.22
C PHE B 444 -17.81 27.95 -5.29
N THR B 445 -17.35 28.34 -6.47
CA THR B 445 -16.83 29.68 -6.73
C THR B 445 -16.72 29.87 -8.22
N LYS B 446 -16.83 31.13 -8.64
CA LYS B 446 -16.59 31.51 -10.03
C LYS B 446 -15.19 32.07 -10.23
N ASN B 447 -14.39 32.18 -9.17
CA ASN B 447 -13.07 32.76 -9.27
C ASN B 447 -12.04 31.67 -9.59
N LEU B 448 -11.30 31.89 -10.68
CA LEU B 448 -10.28 30.92 -11.09
C LEU B 448 -9.25 30.72 -9.98
N ASP B 449 -8.72 31.82 -9.43
CA ASP B 449 -7.65 31.71 -8.46
C ASP B 449 -8.12 31.03 -7.18
N LYS B 450 -9.28 31.40 -6.65
CA LYS B 450 -9.74 30.75 -5.42
C LYS B 450 -10.02 29.28 -5.66
N ALA B 451 -10.72 28.97 -6.77
CA ALA B 451 -10.99 27.58 -7.13
C ALA B 451 -9.71 26.76 -7.12
N LEU B 452 -8.71 27.18 -7.90
CA LEU B 452 -7.49 26.37 -8.04
C LEU B 452 -6.67 26.37 -6.75
N LYS B 453 -6.58 27.50 -6.06
CA LYS B 453 -5.82 27.56 -4.80
C LYS B 453 -6.40 26.60 -3.78
N LEU B 454 -7.73 26.63 -3.60
CA LEU B 454 -8.36 25.69 -2.69
C LEU B 454 -8.13 24.25 -3.15
N ALA B 455 -8.38 23.98 -4.43
CA ALA B 455 -8.15 22.64 -4.94
C ALA B 455 -6.75 22.14 -4.58
N SER B 456 -5.76 23.02 -4.67
CA SER B 456 -4.40 22.61 -4.34
C SER B 456 -4.22 22.38 -2.85
N ALA B 457 -4.83 23.23 -2.02
CA ALA B 457 -4.50 23.23 -0.60
C ALA B 457 -5.28 22.21 0.21
N LEU B 458 -6.43 21.77 -0.27
CA LEU B 458 -7.27 20.87 0.51
C LEU B 458 -6.66 19.48 0.54
N GLU B 459 -6.48 18.95 1.74
CA GLU B 459 -5.97 17.58 1.93
C GLU B 459 -7.10 16.57 1.72
N SER B 460 -7.47 16.40 0.46
CA SER B 460 -8.67 15.65 0.10
C SER B 460 -8.39 14.80 -1.13
N GLY B 461 -8.88 13.55 -1.09
CA GLY B 461 -8.63 12.66 -2.21
C GLY B 461 -9.35 13.09 -3.48
N THR B 462 -10.55 13.64 -3.35
CA THR B 462 -11.29 14.21 -4.46
C THR B 462 -11.72 15.64 -4.11
N VAL B 463 -11.57 16.55 -5.07
CA VAL B 463 -11.97 17.94 -4.89
C VAL B 463 -12.88 18.30 -6.05
N TRP B 464 -14.19 18.30 -5.80
CA TRP B 464 -15.14 18.82 -6.77
C TRP B 464 -15.16 20.33 -6.74
N ILE B 465 -15.38 20.95 -7.90
CA ILE B 465 -15.47 22.40 -8.01
C ILE B 465 -16.71 22.70 -8.82
N ASN B 466 -17.69 23.36 -8.19
CA ASN B 466 -18.97 23.69 -8.82
C ASN B 466 -19.74 22.42 -9.18
N CYS B 467 -19.66 21.41 -8.31
CA CYS B 467 -20.43 20.19 -8.48
C CYS B 467 -20.26 19.35 -7.22
N TYR B 468 -20.91 18.18 -7.22
CA TYR B 468 -20.82 17.27 -6.09
C TYR B 468 -21.21 15.87 -6.55
N ASN B 469 -20.57 14.87 -5.95
CA ASN B 469 -20.83 13.46 -6.28
C ASN B 469 -20.54 13.17 -7.77
N ALA B 470 -19.59 13.89 -8.34
CA ALA B 470 -19.17 13.68 -9.73
C ALA B 470 -18.13 12.56 -9.77
N LEU B 471 -18.61 11.32 -9.75
CA LEU B 471 -17.75 10.15 -9.81
C LEU B 471 -17.66 9.64 -11.23
N TYR B 472 -16.47 9.23 -11.63
CA TYR B 472 -16.23 8.73 -12.98
C TYR B 472 -15.37 7.49 -12.90
N ALA B 473 -15.76 6.45 -13.64
CA ALA B 473 -14.95 5.24 -13.70
C ALA B 473 -13.51 5.56 -14.11
N GLN B 474 -13.31 6.66 -14.83
CA GLN B 474 -11.97 7.01 -15.28
C GLN B 474 -11.17 7.78 -14.25
N ALA B 475 -11.80 8.26 -13.18
CA ALA B 475 -11.10 9.11 -12.25
C ALA B 475 -10.96 8.42 -10.90
N PRO B 476 -9.77 8.41 -10.31
CA PRO B 476 -9.55 7.65 -9.08
C PRO B 476 -10.27 8.26 -7.89
N PHE B 477 -10.83 7.40 -7.04
CA PHE B 477 -11.50 7.84 -5.81
C PHE B 477 -10.81 7.22 -4.61
N GLY B 478 -10.56 8.03 -3.59
CA GLY B 478 -9.90 7.53 -2.38
C GLY B 478 -9.64 8.65 -1.40
N GLY B 479 -9.14 8.27 -0.24
CA GLY B 479 -9.00 9.19 0.90
C GLY B 479 -7.56 9.54 1.23
N PHE B 480 -7.34 10.81 1.56
CA PHE B 480 -6.15 11.23 2.27
C PHE B 480 -6.24 10.79 3.72
N LYS B 481 -5.11 10.84 4.41
CA LYS B 481 -5.03 10.68 5.86
C LYS B 481 -5.85 9.44 6.25
N MET B 482 -6.72 9.51 7.25
CA MET B 482 -7.36 8.32 7.77
C MET B 482 -8.63 7.96 7.02
N SER B 483 -8.79 8.46 5.81
CA SER B 483 -9.97 8.14 5.03
C SER B 483 -9.74 6.99 4.05
N GLY B 484 -8.51 6.51 3.94
CA GLY B 484 -8.21 5.37 3.09
C GLY B 484 -6.72 5.26 2.80
N ASN B 485 -6.38 4.23 2.03
CA ASN B 485 -4.99 3.99 1.66
C ASN B 485 -4.75 4.06 0.15
N GLY B 486 -5.35 3.18 -0.63
CA GLY B 486 -5.18 3.17 -2.08
C GLY B 486 -6.21 4.01 -2.80
N ARG B 487 -6.48 3.64 -4.06
CA ARG B 487 -7.48 4.32 -4.86
C ARG B 487 -8.30 3.29 -5.65
N GLU B 488 -9.57 3.61 -5.86
CA GLU B 488 -10.42 2.81 -6.73
C GLU B 488 -10.84 3.65 -7.93
N LEU B 489 -11.30 2.96 -8.97
CA LEU B 489 -11.61 3.59 -10.25
C LEU B 489 -10.32 4.09 -10.92
N GLY B 490 -10.43 4.41 -12.21
CA GLY B 490 -9.31 4.93 -12.97
C GLY B 490 -8.22 3.90 -13.24
N GLU B 491 -7.20 4.37 -13.96
CA GLU B 491 -6.00 3.56 -14.14
C GLU B 491 -5.33 3.26 -12.81
N TYR B 492 -5.46 4.17 -11.83
CA TYR B 492 -4.74 4.00 -10.57
C TYR B 492 -5.18 2.73 -9.85
N ALA B 493 -6.47 2.39 -9.95
CA ALA B 493 -6.95 1.17 -9.32
C ALA B 493 -6.12 -0.04 -9.74
N LEU B 494 -5.63 -0.04 -10.98
CA LEU B 494 -4.85 -1.18 -11.46
C LEU B 494 -3.62 -1.43 -10.58
N ALA B 495 -3.00 -0.36 -10.07
CA ALA B 495 -1.82 -0.54 -9.23
C ALA B 495 -2.15 -1.37 -8.01
N GLU B 496 -3.39 -1.33 -7.55
CA GLU B 496 -3.75 -2.06 -6.35
C GLU B 496 -3.93 -3.55 -6.60
N TYR B 497 -4.00 -3.98 -7.87
CA TYR B 497 -4.27 -5.38 -8.17
C TYR B 497 -3.15 -6.01 -9.00
N THR B 498 -1.94 -5.48 -8.90
CA THR B 498 -0.82 -6.04 -9.64
C THR B 498 0.42 -5.96 -8.77
N GLU B 499 1.33 -6.91 -8.98
CA GLU B 499 2.64 -6.93 -8.36
C GLU B 499 3.69 -6.70 -9.44
N VAL B 500 4.65 -5.84 -9.14
CA VAL B 500 5.70 -5.47 -10.08
C VAL B 500 6.85 -6.45 -9.91
N LYS B 501 7.30 -7.04 -11.02
CA LYS B 501 8.45 -7.93 -11.04
C LYS B 501 9.48 -7.36 -11.99
N THR B 502 10.72 -7.25 -11.54
CA THR B 502 11.83 -6.85 -12.40
C THR B 502 12.56 -8.08 -12.93
N VAL B 503 12.90 -8.04 -14.22
CA VAL B 503 13.66 -9.08 -14.89
C VAL B 503 14.89 -8.42 -15.51
N THR B 504 16.07 -8.83 -15.05
CA THR B 504 17.35 -8.27 -15.46
C THR B 504 18.23 -9.37 -16.05
N ILE B 505 18.65 -9.20 -17.31
CA ILE B 505 19.39 -10.22 -18.05
C ILE B 505 20.73 -9.66 -18.47
N LYS B 506 21.82 -10.32 -18.04
CA LYS B 506 23.16 -9.96 -18.49
C LYS B 506 23.54 -10.79 -19.70
N LEU B 507 24.40 -10.21 -20.53
CA LEU B 507 24.82 -10.83 -21.78
C LEU B 507 26.34 -10.97 -21.84
PA NAD C . 15.48 -5.71 12.79
O1A NAD C . 14.14 -6.43 12.88
O2A NAD C . 16.19 -5.72 14.15
O5B NAD C . 15.21 -4.12 12.30
C5B NAD C . 16.30 -3.34 11.89
C4B NAD C . 15.90 -1.84 12.10
O4B NAD C . 14.66 -1.79 12.51
C3B NAD C . 16.76 -1.24 13.18
O3B NAD C . 17.01 0.06 12.90
C2B NAD C . 15.87 -1.36 14.45
O2B NAD C . 16.25 -0.31 15.50
C1B NAD C . 14.69 -1.14 13.99
N9A NAD C . 13.71 -1.83 14.83
C8A NAD C . 13.91 -3.01 15.45
N7A NAD C . 12.78 -3.32 16.12
C5A NAD C . 11.89 -2.33 15.91
C6A NAD C . 10.59 -2.17 16.34
N6A NAD C . 9.72 -3.02 17.22
N1A NAD C . 9.89 -1.08 15.97
C2A NAD C . 10.47 -0.16 15.16
N3A NAD C . 11.77 -0.32 14.72
C4A NAD C . 12.46 -1.41 15.09
O3 NAD C . 16.39 -6.50 11.65
PN NAD C . 18.02 -6.61 11.69
O1N NAD C . 18.58 -5.20 11.86
O2N NAD C . 18.48 -7.19 10.38
O5D NAD C . 18.48 -7.60 12.93
C5D NAD C . 17.55 -8.58 13.38
C4D NAD C . 17.35 -8.40 14.97
O4D NAD C . 16.67 -9.42 15.46
C3D NAD C . 18.71 -8.43 15.65
O3D NAD C . 18.79 -7.44 16.53
C2D NAD C . 18.77 -9.81 16.37
O2D NAD C . 19.63 -9.74 17.61
C1D NAD C . 17.55 -10.04 16.68
N1N NAD C . 17.28 -11.47 16.85
C2N NAD C . 15.98 -11.90 16.96
C3N NAD C . 15.68 -13.26 17.12
C7N NAD C . 14.23 -13.70 17.24
O7N NAD C . 13.87 -14.32 18.20
N7N NAD C . 13.28 -13.37 16.17
C4N NAD C . 16.68 -14.17 17.18
C5N NAD C . 17.98 -13.75 17.08
C6N NAD C . 18.27 -12.38 16.92
C02 R2Q D . 27.00 -3.41 -13.04
C03 R2Q D . 26.75 -2.37 -12.25
C05 R2Q D . 25.86 -1.92 -10.10
C06 R2Q D . 25.32 -2.58 -8.99
C07 R2Q D . 25.19 -3.97 -8.99
C08 R2Q D . 25.59 -4.70 -10.08
C09 R2Q D . 26.11 -4.00 -11.13
C10 R2Q D . 27.60 -3.50 -14.44
C11 R2Q D . 28.53 -2.60 -14.92
C12 R2Q D . 29.05 -2.78 -16.20
C13 R2Q D . 28.66 -3.84 -17.00
C14 R2Q D . 27.74 -4.74 -16.49
C15 R2Q D . 27.22 -4.57 -15.21
C16 R2Q D . 24.86 -1.87 -7.74
C17 R2Q D . 24.00 -0.79 -7.83
C18 R2Q D . 23.57 -0.18 -6.67
C19 R2Q D . 24.00 -0.62 -5.43
C20 R2Q D . 24.87 -1.70 -5.35
C21 R2Q D . 25.30 -2.32 -6.51
C22 R2Q D . 22.61 1.01 -6.80
N01 R2Q D . 26.59 -4.49 -12.34
N04 R2Q D . 26.24 -2.66 -11.14
N23 R2Q D . 21.90 1.88 -6.88
H151 R2Q D . 26.98 -1.35 -12.55
H171 R2Q D . 25.96 -0.85 -10.11
H101 R2Q D . 24.76 -4.47 -8.13
H111 R2Q D . 25.50 -5.77 -10.10
H191 R2Q D . 28.86 -1.77 -14.30
H201 R2Q D . 29.78 -2.07 -16.59
H211 R2Q D . 29.07 -3.97 -17.99
H221 R2Q D . 27.42 -5.58 -17.10
H231 R2Q D . 26.51 -5.30 -14.83
H081 R2Q D . 23.66 -0.45 -8.80
H041 R2Q D . 23.66 -0.13 -4.53
H051 R2Q D . 25.21 -2.05 -4.38
H061 R2Q D . 25.98 -3.16 -6.45
NA NA E . 28.08 -1.48 16.23
C1 GOL F . 5.46 9.28 -13.40
O1 GOL F . 5.32 10.66 -13.63
C2 GOL F . 4.53 8.88 -12.21
O2 GOL F . 4.83 7.59 -11.76
C3 GOL F . 4.74 9.98 -11.13
O3 GOL F . 4.16 9.52 -9.92
H11 GOL F . 6.37 9.04 -13.19
H12 GOL F . 5.20 8.76 -14.18
HO1 GOL F . 6.11 10.98 -13.67
H2 GOL F . 3.59 8.87 -12.47
HO2 GOL F . 5.50 7.65 -11.25
H31 GOL F . 4.35 10.81 -11.45
H32 GOL F . 5.69 10.16 -11.06
HO3 GOL F . 3.41 9.18 -10.14
C1 GOL G . 6.00 -1.47 16.85
O1 GOL G . 7.05 -0.69 16.31
C2 GOL G . 6.01 -1.37 18.42
O2 GOL G . 4.80 -1.86 18.94
C3 GOL G . 7.25 -2.17 18.86
O3 GOL G . 7.03 -2.64 20.17
H11 GOL G . 6.09 -2.41 16.61
H12 GOL G . 5.13 -1.18 16.53
HO1 GOL G . 7.35 -1.12 15.64
H2 GOL G . 6.09 -0.45 18.73
HO2 GOL G . 4.62 -2.59 18.54
H31 GOL G . 8.03 -1.60 18.79
H32 GOL G . 7.40 -2.89 18.23
HO3 GOL G . 6.79 -1.95 20.63
C1 GOL H . 18.78 18.22 -11.96
O1 GOL H . 18.83 19.63 -11.97
C2 GOL H . 17.83 17.76 -13.09
O2 GOL H . 17.85 16.36 -13.21
C3 GOL H . 16.46 18.35 -12.70
O3 GOL H . 15.58 18.03 -13.73
H11 GOL H . 18.47 17.87 -11.11
H12 GOL H . 19.66 17.83 -12.10
HO1 GOL H . 19.61 19.85 -12.23
H2 GOL H . 18.09 18.08 -13.97
HO2 GOL H . 17.63 16.18 -14.01
H31 GOL H . 16.56 19.30 -12.55
H32 GOL H . 16.19 17.98 -11.83
HO3 GOL H . 15.42 17.20 -13.66
NA NA I . -1.32 19.43 0.47
C1 GOL J . -1.40 1.12 1.70
O1 GOL J . -1.15 1.71 0.45
C2 GOL J . -0.05 0.54 2.24
O2 GOL J . 0.17 0.89 3.58
C3 GOL J . -0.12 -1.02 2.07
O3 GOL J . -0.75 -1.55 3.22
H11 GOL J . -2.05 0.40 1.65
H12 GOL J . -1.75 1.74 2.35
HO1 GOL J . -1.66 1.31 -0.12
H2 GOL J . 0.67 0.90 1.72
HO2 GOL J . 0.51 0.21 3.99
H31 GOL J . 0.78 -1.35 1.94
H32 GOL J . -0.59 -1.22 1.25
HO3 GOL J . -1.02 -2.33 3.02
C1 GOL K . 2.48 -0.69 -0.29
O1 GOL K . 2.69 0.69 -0.11
C2 GOL K . 1.34 -0.92 -1.32
O2 GOL K . 1.77 -0.75 -2.65
C3 GOL K . 0.95 -2.39 -1.05
O3 GOL K . -0.28 -2.43 -0.39
H11 GOL K . 2.23 -1.12 0.55
H12 GOL K . 3.29 -1.14 -0.60
HO1 GOL K . 3.20 0.78 0.56
H2 GOL K . 0.62 -0.28 -1.20
HO2 GOL K . 2.55 -1.05 -2.70
H31 GOL K . 1.66 -2.80 -0.53
H32 GOL K . 0.95 -2.87 -1.89
HO3 GOL K . -0.16 -2.90 0.33
PA NAD L . -18.61 -1.44 8.67
O1A NAD L . -17.47 -0.79 9.43
O2A NAD L . -19.57 -2.16 9.61
O5B NAD L . -17.97 -2.52 7.54
C5B NAD L . -18.83 -2.99 6.54
C4B NAD L . -18.31 -4.37 6.05
O4B NAD L . -17.27 -4.74 6.74
C3B NAD L . -19.41 -5.35 6.35
O3B NAD L . -19.49 -6.27 5.34
C2B NAD L . -18.95 -6.02 7.66
O2B NAD L . -19.60 -7.41 7.72
C1B NAD L . -17.67 -6.08 7.54
N9A NAD L . -16.99 -6.17 8.84
C8A NAD L . -17.42 -5.64 10.00
N7A NAD L . -16.51 -5.95 10.97
C5A NAD L . -15.53 -6.66 10.40
C6A NAD L . -14.36 -7.23 10.91
N6A NAD L . -13.74 -7.28 12.26
N1A NAD L . -13.53 -7.91 10.11
C2A NAD L . -13.83 -8.03 8.80
N3A NAD L . -14.98 -7.48 8.29
C4A NAD L . -15.83 -6.80 9.08
O3 NAD L . -19.41 -0.25 7.81
PN NAD L . -20.91 0.32 8.19
O1N NAD L . -21.85 -0.86 8.35
O2N NAD L . -21.36 1.19 7.05
O5D NAD L . -20.85 1.20 9.59
C5D NAD L . -21.76 0.94 10.64
C4D NAD L . -21.19 -0.29 11.53
O4D NAD L . -20.99 0.10 12.78
C3D NAD L . -22.23 -1.39 11.59
O3D NAD L . -21.71 -2.54 11.16
C2D NAD L . -22.62 -1.50 13.10
O2D NAD L . -22.98 -2.91 13.49
C1D NAD L . -21.57 -1.10 13.71
N1N NAD L . -21.92 -0.62 15.04
C2N NAD L . -21.00 -0.71 16.06
C3N NAD L . -21.34 -0.24 17.34
C7N NAD L . -20.33 -0.33 18.49
O7N NAD L . -20.21 0.60 19.26
N7N NAD L . -19.54 -1.54 18.64
C4N NAD L . -22.57 0.29 17.56
C5N NAD L . -23.48 0.37 16.54
C6N NAD L . -23.14 -0.09 15.26
C02 R2Q M . -22.61 12.69 -15.04
C03 R2Q M . -22.39 11.38 -14.96
C05 R2Q M . -22.01 9.75 -13.31
C06 R2Q M . -21.90 9.61 -11.93
C07 R2Q M . -22.02 10.71 -11.08
C08 R2Q M . -22.27 11.95 -11.62
C09 R2Q M . -22.37 12.03 -12.98
C10 R2Q M . -22.84 13.56 -16.26
C11 R2Q M . -23.45 13.10 -17.42
C12 R2Q M . -23.64 13.97 -18.48
C13 R2Q M . -23.23 15.29 -18.40
C14 R2Q M . -22.63 15.75 -17.24
C15 R2Q M . -22.43 14.88 -16.18
C16 R2Q M . -21.62 8.27 -11.29
C17 R2Q M . -20.57 7.55 -11.82
C18 R2Q M . -20.24 6.33 -11.27
C19 R2Q M . -20.96 5.83 -10.19
C20 R2Q M . -22.02 6.56 -9.68
C21 R2Q M . -22.35 7.80 -10.23
C22 R2Q M . -19.07 5.60 -11.91
N01 R2Q M . -22.60 13.15 -13.78
N04 R2Q M . -22.24 10.96 -13.78
N23 R2Q M . -18.20 5.06 -12.38
H151 R2Q M . -22.33 10.74 -15.83
H171 R2Q M . -21.91 8.90 -13.97
H101 R2Q M . -21.93 10.59 -10.01
H111 R2Q M . -22.38 12.83 -10.98
H191 R2Q M . -23.77 12.06 -17.49
H201 R2Q M . -24.11 13.62 -19.39
H211 R2Q M . -23.38 15.97 -19.23
H221 R2Q M . -22.30 16.78 -17.16
H231 R2Q M . -21.97 15.23 -15.27
H081 R2Q M . -20.01 7.94 -12.65
H041 R2Q M . -20.71 4.86 -9.76
H051 R2Q M . -22.59 6.18 -8.84
H061 R2Q M . -23.19 8.36 -9.83
C1 GOL N . 1.05 -3.34 -5.02
O1 GOL N . 0.38 -4.54 -4.68
C2 GOL N . 2.59 -3.60 -4.92
O2 GOL N . 2.93 -4.79 -4.27
C3 GOL N . 3.06 -3.55 -6.42
O3 GOL N . 4.36 -4.09 -6.48
H11 GOL N . 0.82 -3.04 -5.92
H12 GOL N . 0.80 -2.61 -4.43
HO1 GOL N . 0.71 -5.15 -5.19
H2 GOL N . 3.02 -2.92 -4.37
HO2 GOL N . 3.76 -4.71 -4.05
H31 GOL N . 3.01 -2.64 -6.74
H32 GOL N . 2.42 -4.04 -6.97
HO3 GOL N . 4.48 -4.40 -7.26
C02 R2K O . -31.04 -7.21 7.87
C03 R2K O . -31.29 -5.73 7.55
C04 R2K O . -31.56 -5.48 6.06
O01 R2K O . -31.87 -8.00 7.55
O05 R2K O . -31.10 -4.27 5.52
O07 R2K O . -31.79 -6.36 5.31
O08 R2K O . -29.93 -7.62 8.62
NA1 R2K O . -30.42 -2.65 4.79
NA2 R2K O . -28.43 -8.19 9.68
H032 R2K O . -30.43 -5.16 7.85
H031 R2K O . -32.16 -5.40 8.12
C1 GOL P . 21.50 1.09 -22.27
O1 GOL P . 21.70 2.34 -22.87
C2 GOL P . 20.09 0.58 -22.65
O2 GOL P . 19.83 0.64 -24.01
C3 GOL P . 20.08 -0.90 -22.15
O3 GOL P . 20.11 -0.90 -20.74
H11 GOL P . 21.57 1.13 -21.31
H12 GOL P . 22.15 0.43 -22.56
HO1 GOL P . 22.40 2.26 -23.35
H2 GOL P . 19.42 1.13 -22.21
HO2 GOL P . 20.39 0.14 -24.41
H31 GOL P . 20.84 -1.35 -22.55
H32 GOL P . 19.30 -1.34 -22.51
HO3 GOL P . 20.32 -1.70 -20.50
NA NA Q . -1.46 -8.96 -16.97
NA NA R . -6.74 34.80 -2.84
#